data_8WOX
#
_entry.id   8WOX
#
_cell.length_a   1.00
_cell.length_b   1.00
_cell.length_c   1.00
_cell.angle_alpha   90.00
_cell.angle_beta   90.00
_cell.angle_gamma   90.00
#
_symmetry.space_group_name_H-M   'P 1'
#
loop_
_entity.id
_entity.type
_entity.pdbx_description
1 polymer 'Spike protein S1'
2 polymer 'Angiotensin-converting enzyme'
3 non-polymer 2-acetamido-2-deoxy-beta-D-glucopyranose
4 non-polymer 'ZINC ION'
#
loop_
_entity_poly.entity_id
_entity_poly.type
_entity_poly.pdbx_seq_one_letter_code
_entity_poly.pdbx_strand_id
1 'polypeptide(L)'
;RVQPTESIVRFPNITNLCPFGEVFNATRFASVYAWNRKRISNCVADYSVLYNSASFSTFKCYGVSPTKLNDLCFTNVYAD
SFVIRGDEVRQIAPGQTGKIADYNYKLPDDFTGCVIAWNSNNLDSKVGGNYNYLYRLFRKSNLKPFERDISTEIYQAGST
PCNGVEGFNCYFPLQSYGFQPTNGVGYQPYRVVVLSFELLHAPATVCGPKKSTNLVKNKCVNFHHHHHH
;
B
2 'polypeptide(L)'
;STIEELAKTFLEKFNQEAEDLSYQSALASWDYNTNITEENVQKMNDAEAKWSAFYEEQSKLAKTYPSQEVQNLTVKRQLQ
ALQQSGSSALSADKSKQLNTILSTMSTIYSTGKVCNQSNPQECFLLEPGLDEIMAKSTDYNERLWAWEGWRSVVGKQLRP
LYEEYVVLKNEMARANNYEDYGDYWRADYEAEGADGYDYSRSQLIDDVERTFSEIKPLYEQLHAFVRTKLMDAYPSRISP
TGCLPAHLLGDMWGRFWTNLYSLTVPFGQKPNIDVTDTMVNQGWDAERIFKEAEKFFVSVGLPSMTQGFWENSMLTEPGD
GRKVVCHPTAWDLGKGDFRIKMCTKVTMDNFLTAHHEMGHIQYDMAYATQPFLLRNGANEGFHEAVGEIMSLSAATPEHL
KSIGLLPYDFHEDNETEINFLLKQALTIVGTLPFTYMLEKWRWMVFKGEIPKEQWMQKWWEMKREIVGVVEPMPHDETYC
DPAALFHVANDYSFIRYYTRTIYQFQFQEALCQAAQHEGPLHKCDISNSTEAGQKLLNMLRLGRSEPWTLALENVVGAKN
MDVRPLLNYFEPLFTWLKEQNRNSFVGWSTEWTPYA
;
A
#
loop_
_chem_comp.id
_chem_comp.type
_chem_comp.name
_chem_comp.formula
NAG D-saccharide, beta linking 2-acetamido-2-deoxy-beta-D-glucopyranose 'C8 H15 N O6'
ZN non-polymer 'ZINC ION' 'Zn 2'
#
# COMPACT_ATOMS: atom_id res chain seq x y z
N LEU A 17 -46.24 -22.94 26.48
CA LEU A 17 -45.18 -22.08 25.98
C LEU A 17 -44.10 -22.90 25.26
N CYS A 18 -44.04 -22.75 23.94
CA CYS A 18 -43.03 -23.47 23.18
C CYS A 18 -41.66 -22.83 23.36
N PRO A 19 -40.61 -23.64 23.46
CA PRO A 19 -39.29 -23.14 23.90
C PRO A 19 -38.48 -22.47 22.81
N PHE A 20 -38.67 -21.17 22.59
CA PHE A 20 -37.78 -20.44 21.70
C PHE A 20 -36.32 -20.50 22.18
N GLY A 21 -36.11 -20.74 23.47
CA GLY A 21 -34.76 -20.92 23.98
C GLY A 21 -34.09 -22.18 23.48
N GLU A 22 -34.87 -23.14 22.96
CA GLU A 22 -34.26 -24.34 22.40
C GLU A 22 -33.40 -24.01 21.19
N VAL A 23 -33.84 -23.06 20.37
CA VAL A 23 -33.12 -22.73 19.15
C VAL A 23 -32.30 -21.45 19.30
N PHE A 24 -32.77 -20.48 20.08
CA PHE A 24 -32.12 -19.17 20.08
C PHE A 24 -30.79 -19.21 20.85
N ASN A 25 -30.74 -19.91 21.98
CA ASN A 25 -29.51 -20.02 22.75
C ASN A 25 -28.99 -21.45 22.79
N ALA A 26 -29.13 -22.17 21.68
CA ALA A 26 -28.57 -23.51 21.59
C ALA A 26 -27.04 -23.46 21.57
N THR A 27 -26.43 -24.49 22.13
CA THR A 27 -24.97 -24.54 22.22
C THR A 27 -24.33 -24.66 20.84
N ARG A 28 -24.89 -25.50 19.97
CA ARG A 28 -24.32 -25.77 18.65
C ARG A 28 -25.33 -25.46 17.57
N PHE A 29 -24.86 -24.83 16.50
CA PHE A 29 -25.65 -24.51 15.33
C PHE A 29 -25.24 -25.43 14.17
N ALA A 30 -25.82 -25.18 13.00
CA ALA A 30 -25.55 -25.99 11.82
C ALA A 30 -24.99 -25.12 10.70
N SER A 31 -24.36 -25.77 9.74
CA SER A 31 -23.77 -25.08 8.60
C SER A 31 -24.86 -24.52 7.69
N VAL A 32 -24.44 -23.74 6.70
CA VAL A 32 -25.39 -23.05 5.84
C VAL A 32 -26.13 -24.05 4.96
N TYR A 33 -25.40 -24.99 4.35
CA TYR A 33 -26.04 -25.90 3.41
C TYR A 33 -26.89 -26.93 4.13
N ALA A 34 -26.43 -27.43 5.27
CA ALA A 34 -27.23 -28.33 6.10
C ALA A 34 -27.91 -27.56 7.23
N TRP A 35 -28.71 -26.57 6.85
CA TRP A 35 -29.33 -25.69 7.83
C TRP A 35 -30.41 -26.42 8.62
N ASN A 36 -30.56 -26.04 9.89
CA ASN A 36 -31.50 -26.71 10.78
C ASN A 36 -32.92 -26.21 10.56
N ARG A 37 -33.87 -27.14 10.54
CA ARG A 37 -35.28 -26.89 10.28
C ARG A 37 -36.09 -27.39 11.46
N LYS A 38 -36.97 -26.54 12.00
CA LYS A 38 -37.77 -26.88 13.16
C LYS A 38 -39.20 -26.41 12.95
N ARG A 39 -40.16 -27.24 13.38
CA ARG A 39 -41.58 -26.94 13.26
C ARG A 39 -42.15 -26.64 14.64
N ILE A 40 -42.88 -25.54 14.74
CA ILE A 40 -43.44 -25.06 16.01
C ILE A 40 -44.94 -24.93 15.85
N SER A 41 -45.68 -25.57 16.73
CA SER A 41 -47.14 -25.53 16.76
C SER A 41 -47.61 -25.95 18.13
N ASN A 42 -48.88 -25.64 18.43
CA ASN A 42 -49.52 -25.99 19.70
C ASN A 42 -48.75 -25.39 20.88
N CYS A 43 -48.65 -24.07 20.89
CA CYS A 43 -47.96 -23.36 21.96
C CYS A 43 -48.48 -21.92 22.01
N VAL A 44 -47.88 -21.14 22.90
CA VAL A 44 -48.09 -19.69 22.95
C VAL A 44 -46.73 -19.02 22.85
N ALA A 45 -46.63 -18.04 21.96
CA ALA A 45 -45.37 -17.36 21.70
C ALA A 45 -45.52 -15.88 22.03
N ASP A 46 -44.64 -15.38 22.90
CA ASP A 46 -44.67 -13.98 23.32
C ASP A 46 -43.49 -13.27 22.64
N TYR A 47 -43.78 -12.60 21.54
CA TYR A 47 -42.74 -11.94 20.75
C TYR A 47 -42.16 -10.71 21.43
N SER A 48 -42.81 -10.20 22.48
CA SER A 48 -42.30 -9.00 23.15
C SER A 48 -40.93 -9.24 23.77
N VAL A 49 -40.59 -10.49 24.08
CA VAL A 49 -39.27 -10.78 24.63
C VAL A 49 -38.19 -10.83 23.55
N LEU A 50 -38.57 -10.83 22.27
CA LEU A 50 -37.62 -10.86 21.17
C LEU A 50 -37.34 -9.50 20.56
N TYR A 51 -38.39 -8.80 20.10
CA TYR A 51 -38.19 -7.50 19.46
C TYR A 51 -37.53 -6.51 20.41
N ASN A 52 -37.94 -6.51 21.68
CA ASN A 52 -37.33 -5.66 22.69
C ASN A 52 -36.18 -6.35 23.41
N SER A 53 -35.52 -7.31 22.75
CA SER A 53 -34.41 -8.01 23.38
C SER A 53 -33.22 -7.08 23.62
N ALA A 54 -33.03 -6.09 22.76
CA ALA A 54 -31.96 -5.10 22.87
C ALA A 54 -30.58 -5.74 22.83
N SER A 55 -30.45 -6.92 22.21
CA SER A 55 -29.17 -7.58 22.05
C SER A 55 -29.02 -8.20 20.67
N PHE A 56 -29.74 -7.69 19.68
CA PHE A 56 -29.72 -8.22 18.32
C PHE A 56 -29.20 -7.16 17.36
N SER A 57 -28.75 -7.61 16.20
CA SER A 57 -28.24 -6.70 15.18
C SER A 57 -29.31 -6.33 14.16
N THR A 58 -29.88 -7.32 13.49
CA THR A 58 -30.92 -7.08 12.50
C THR A 58 -32.14 -7.94 12.81
N PHE A 59 -33.31 -7.31 12.68
CA PHE A 59 -34.61 -7.88 13.01
C PHE A 59 -35.63 -7.56 11.92
N LYS A 60 -35.29 -7.87 10.68
CA LYS A 60 -36.12 -7.42 9.57
C LYS A 60 -37.34 -8.32 9.38
N CYS A 61 -38.53 -7.75 9.39
CA CYS A 61 -39.77 -8.49 9.24
C CYS A 61 -40.48 -8.07 7.96
N TYR A 62 -40.91 -9.06 7.16
CA TYR A 62 -41.54 -8.82 5.88
C TYR A 62 -42.91 -9.47 5.87
N GLY A 63 -43.92 -8.71 5.44
CA GLY A 63 -45.28 -9.20 5.33
C GLY A 63 -46.14 -9.00 6.56
N VAL A 64 -45.53 -8.78 7.73
CA VAL A 64 -46.26 -8.58 8.97
C VAL A 64 -45.61 -7.44 9.75
N SER A 65 -46.43 -6.59 10.34
CA SER A 65 -45.91 -5.52 11.18
C SER A 65 -45.26 -6.13 12.43
N PRO A 66 -44.17 -5.53 12.93
CA PRO A 66 -43.54 -6.10 14.13
C PRO A 66 -44.38 -5.96 15.38
N THR A 67 -45.01 -4.81 15.59
CA THR A 67 -45.81 -4.61 16.80
C THR A 67 -47.13 -5.36 16.74
N LYS A 68 -47.70 -5.52 15.55
CA LYS A 68 -48.96 -6.23 15.39
C LYS A 68 -48.80 -7.74 15.29
N LEU A 69 -47.67 -8.27 15.76
CA LEU A 69 -47.43 -9.70 15.74
C LEU A 69 -47.97 -10.41 16.97
N ASN A 70 -48.63 -9.68 17.88
CA ASN A 70 -49.20 -10.26 19.08
C ASN A 70 -50.70 -10.45 19.00
N ASP A 71 -51.35 -9.98 17.94
CA ASP A 71 -52.80 -10.07 17.81
C ASP A 71 -53.23 -11.14 16.81
N LEU A 72 -52.82 -11.02 15.55
CA LEU A 72 -53.16 -11.99 14.53
C LEU A 72 -52.17 -13.15 14.60
N CYS A 73 -52.68 -14.36 14.39
CA CYS A 73 -51.85 -15.55 14.56
C CYS A 73 -52.14 -16.61 13.53
N PHE A 74 -51.18 -17.53 13.39
CA PHE A 74 -51.11 -18.54 12.36
C PHE A 74 -51.18 -19.92 12.99
N THR A 75 -50.97 -20.94 12.16
CA THR A 75 -51.00 -22.34 12.59
C THR A 75 -49.61 -22.89 12.87
N ASN A 76 -48.71 -22.83 11.90
CA ASN A 76 -47.38 -23.41 11.99
C ASN A 76 -46.32 -22.34 11.80
N VAL A 77 -45.24 -22.42 12.58
CA VAL A 77 -44.10 -21.53 12.44
C VAL A 77 -42.86 -22.37 12.24
N TYR A 78 -42.13 -22.10 11.16
CA TYR A 78 -40.92 -22.83 10.83
C TYR A 78 -39.70 -21.98 11.14
N ALA A 79 -38.78 -22.55 11.91
CA ALA A 79 -37.55 -21.88 12.29
C ALA A 79 -36.38 -22.53 11.58
N ASP A 80 -35.62 -21.74 10.82
CA ASP A 80 -34.43 -22.20 10.14
C ASP A 80 -33.22 -21.51 10.76
N SER A 81 -32.26 -22.30 11.21
CA SER A 81 -31.12 -21.76 11.93
C SER A 81 -29.82 -22.16 11.24
N PHE A 82 -28.88 -21.21 11.17
CA PHE A 82 -27.53 -21.49 10.67
C PHE A 82 -26.60 -20.36 11.08
N VAL A 83 -25.36 -20.45 10.62
CA VAL A 83 -24.33 -19.44 10.90
C VAL A 83 -23.66 -19.07 9.59
N ILE A 84 -23.45 -17.77 9.38
CA ILE A 84 -22.85 -17.24 8.16
C ILE A 84 -21.84 -16.15 8.53
N ARG A 85 -21.29 -15.50 7.52
CA ARG A 85 -20.34 -14.42 7.71
C ARG A 85 -21.10 -13.14 8.07
N GLY A 86 -20.38 -12.01 8.06
CA GLY A 86 -20.98 -10.74 8.42
C GLY A 86 -21.53 -9.97 7.24
N ASP A 87 -20.80 -9.93 6.14
CA ASP A 87 -21.22 -9.17 4.97
C ASP A 87 -22.21 -9.93 4.09
N GLU A 88 -22.48 -11.19 4.39
CA GLU A 88 -23.43 -11.98 3.63
C GLU A 88 -24.82 -11.98 4.25
N VAL A 89 -25.04 -11.24 5.34
CA VAL A 89 -26.35 -11.19 5.97
C VAL A 89 -27.35 -10.50 5.05
N ARG A 90 -26.92 -9.51 4.28
CA ARG A 90 -27.82 -8.79 3.39
C ARG A 90 -28.37 -9.69 2.29
N GLN A 91 -27.78 -10.85 2.06
CA GLN A 91 -28.26 -11.75 1.02
C GLN A 91 -29.49 -12.54 1.43
N ILE A 92 -29.83 -12.57 2.71
CA ILE A 92 -31.03 -13.27 3.18
C ILE A 92 -32.16 -12.24 3.15
N ALA A 93 -32.76 -12.09 1.97
CA ALA A 93 -33.85 -11.15 1.75
C ALA A 93 -34.52 -11.52 0.43
N PRO A 94 -35.80 -11.16 0.25
CA PRO A 94 -36.48 -11.48 -1.00
C PRO A 94 -35.82 -10.81 -2.19
N GLY A 95 -35.62 -11.58 -3.26
CA GLY A 95 -35.13 -11.03 -4.50
C GLY A 95 -33.64 -10.84 -4.60
N GLN A 96 -32.88 -11.17 -3.56
CA GLN A 96 -31.45 -10.93 -3.56
C GLN A 96 -30.72 -12.13 -4.17
N THR A 97 -29.55 -11.85 -4.74
CA THR A 97 -28.73 -12.86 -5.38
C THR A 97 -27.28 -12.70 -4.93
N GLY A 98 -26.49 -13.76 -5.12
CA GLY A 98 -25.12 -13.77 -4.68
C GLY A 98 -24.48 -15.13 -4.79
N LYS A 99 -23.84 -15.59 -3.72
CA LYS A 99 -23.19 -16.90 -3.68
C LYS A 99 -23.83 -17.84 -2.69
N ILE A 100 -24.20 -17.36 -1.50
CA ILE A 100 -24.95 -18.19 -0.55
C ILE A 100 -26.45 -18.01 -0.69
N ALA A 101 -26.89 -16.99 -1.42
CA ALA A 101 -28.32 -16.77 -1.65
C ALA A 101 -28.85 -17.49 -2.86
N ASP A 102 -27.99 -18.17 -3.63
CA ASP A 102 -28.45 -18.94 -4.78
C ASP A 102 -27.92 -20.37 -4.81
N TYR A 103 -26.95 -20.72 -3.97
CA TYR A 103 -26.44 -22.08 -3.93
C TYR A 103 -26.70 -22.78 -2.61
N ASN A 104 -26.98 -22.04 -1.53
CA ASN A 104 -27.13 -22.63 -0.20
C ASN A 104 -28.53 -22.47 0.36
N TYR A 105 -29.07 -21.26 0.39
CA TYR A 105 -30.34 -20.99 1.06
C TYR A 105 -31.05 -19.88 0.32
N LYS A 106 -32.23 -20.17 -0.22
CA LYS A 106 -33.00 -19.21 -1.01
C LYS A 106 -34.36 -18.97 -0.37
N LEU A 107 -34.81 -17.72 -0.44
CA LEU A 107 -36.08 -17.28 0.09
C LEU A 107 -37.01 -16.84 -1.03
N PRO A 108 -38.28 -17.27 -1.02
CA PRO A 108 -39.21 -16.87 -2.07
C PRO A 108 -39.63 -15.42 -1.94
N ASP A 109 -40.10 -14.87 -3.07
CA ASP A 109 -40.48 -13.46 -3.12
C ASP A 109 -41.62 -13.16 -2.16
N ASP A 110 -42.66 -13.99 -2.16
CA ASP A 110 -43.83 -13.78 -1.31
C ASP A 110 -43.57 -14.39 0.06
N PHE A 111 -42.69 -13.74 0.82
CA PHE A 111 -42.26 -14.22 2.12
C PHE A 111 -42.96 -13.42 3.22
N THR A 112 -43.59 -14.13 4.14
CA THR A 112 -44.25 -13.55 5.29
C THR A 112 -43.56 -14.09 6.54
N GLY A 113 -42.52 -13.41 6.98
CA GLY A 113 -41.74 -13.91 8.11
C GLY A 113 -40.67 -12.91 8.49
N CYS A 114 -39.84 -13.33 9.45
CA CYS A 114 -38.84 -12.44 10.03
C CYS A 114 -37.47 -13.07 10.00
N VAL A 115 -36.45 -12.21 9.91
CA VAL A 115 -35.05 -12.61 9.88
C VAL A 115 -34.33 -11.92 11.02
N ILE A 116 -33.72 -12.70 11.90
CA ILE A 116 -33.00 -12.21 13.06
C ILE A 116 -31.56 -12.67 12.97
N ALA A 117 -30.63 -11.75 13.21
CA ALA A 117 -29.21 -12.11 13.16
C ALA A 117 -28.46 -11.40 14.28
N TRP A 118 -27.45 -12.08 14.83
CA TRP A 118 -26.66 -11.46 15.87
C TRP A 118 -25.22 -11.99 15.86
N ASN A 119 -24.33 -11.16 16.39
CA ASN A 119 -22.90 -11.47 16.42
C ASN A 119 -22.60 -12.54 17.46
N SER A 120 -21.68 -13.45 17.12
CA SER A 120 -21.30 -14.54 18.01
C SER A 120 -19.80 -14.76 17.96
N ASN A 121 -19.03 -13.68 18.03
CA ASN A 121 -17.57 -13.82 17.96
C ASN A 121 -16.99 -14.47 19.20
N ASN A 122 -17.65 -14.30 20.35
CA ASN A 122 -17.13 -14.87 21.59
C ASN A 122 -17.21 -16.38 21.61
N LEU A 123 -18.06 -16.99 20.79
CA LEU A 123 -18.30 -18.43 20.83
C LEU A 123 -17.72 -19.18 19.65
N ASP A 124 -17.81 -18.63 18.44
CA ASP A 124 -17.43 -19.35 17.22
C ASP A 124 -16.08 -18.89 16.68
N SER A 125 -15.15 -18.51 17.55
CA SER A 125 -13.82 -18.09 17.14
C SER A 125 -12.79 -18.72 18.05
N LYS A 126 -11.70 -19.20 17.46
CA LYS A 126 -10.62 -19.83 18.19
C LYS A 126 -9.30 -19.20 17.79
N VAL A 127 -8.33 -19.25 18.71
CA VAL A 127 -7.03 -18.61 18.44
C VAL A 127 -6.35 -19.26 17.26
N GLY A 128 -6.50 -20.58 17.10
CA GLY A 128 -5.95 -21.24 15.93
C GLY A 128 -6.80 -21.10 14.69
N GLY A 129 -8.10 -20.87 14.86
CA GLY A 129 -8.99 -20.69 13.73
C GLY A 129 -10.00 -21.82 13.57
N ASN A 130 -11.28 -21.50 13.70
CA ASN A 130 -12.32 -22.48 13.48
C ASN A 130 -12.43 -22.84 12.01
N TYR A 131 -12.63 -24.13 11.73
CA TYR A 131 -12.70 -24.59 10.35
C TYR A 131 -13.79 -25.64 10.12
N ASN A 132 -14.69 -25.86 11.07
CA ASN A 132 -15.70 -26.91 10.94
C ASN A 132 -17.01 -26.41 10.34
N TYR A 133 -17.09 -25.14 9.96
CA TYR A 133 -18.27 -24.59 9.30
C TYR A 133 -18.04 -24.58 7.81
N LEU A 134 -18.99 -25.11 7.05
CA LEU A 134 -18.84 -25.32 5.62
C LEU A 134 -19.93 -24.60 4.84
N TYR A 135 -19.64 -24.31 3.58
CA TYR A 135 -20.61 -23.73 2.67
C TYR A 135 -20.24 -24.13 1.24
N ARG A 136 -21.24 -24.03 0.36
CA ARG A 136 -21.13 -24.50 -1.01
C ARG A 136 -20.88 -23.33 -1.95
N LEU A 137 -19.99 -23.53 -2.93
CA LEU A 137 -19.65 -22.49 -3.87
C LEU A 137 -19.69 -22.92 -5.33
N PHE A 138 -20.16 -24.13 -5.63
CA PHE A 138 -20.26 -24.61 -7.00
C PHE A 138 -21.51 -25.46 -7.15
N ARG A 139 -22.33 -25.15 -8.15
CA ARG A 139 -23.54 -25.93 -8.41
C ARG A 139 -23.95 -25.73 -9.87
N LYS A 140 -24.62 -26.74 -10.42
CA LYS A 140 -25.05 -26.67 -11.81
C LYS A 140 -26.17 -25.65 -12.00
N SER A 141 -27.18 -25.71 -11.15
CA SER A 141 -28.35 -24.85 -11.30
C SER A 141 -28.74 -24.27 -9.95
N ASN A 142 -29.41 -23.13 -9.98
CA ASN A 142 -29.83 -22.45 -8.77
C ASN A 142 -30.85 -23.28 -8.00
N LEU A 143 -30.85 -23.10 -6.68
CA LEU A 143 -31.78 -23.81 -5.83
C LEU A 143 -33.20 -23.31 -6.03
N LYS A 144 -34.14 -24.25 -6.09
CA LYS A 144 -35.55 -23.89 -5.99
C LYS A 144 -35.83 -23.42 -4.57
N PRO A 145 -36.82 -22.55 -4.37
CA PRO A 145 -37.05 -21.98 -3.04
C PRO A 145 -37.31 -23.05 -1.99
N PHE A 146 -36.72 -22.84 -0.81
CA PHE A 146 -36.86 -23.75 0.33
C PHE A 146 -36.43 -25.17 -0.02
N GLU A 147 -35.16 -25.30 -0.38
CA GLU A 147 -34.58 -26.59 -0.76
C GLU A 147 -33.19 -26.71 -0.17
N ARG A 148 -32.80 -27.94 0.13
CA ARG A 148 -31.49 -28.24 0.70
C ARG A 148 -30.74 -29.22 -0.19
N ASP A 149 -29.42 -29.18 -0.13
CA ASP A 149 -28.57 -30.09 -0.87
C ASP A 149 -27.37 -30.43 -0.02
N ILE A 150 -27.11 -31.73 0.17
CA ILE A 150 -26.01 -32.18 1.00
C ILE A 150 -25.15 -33.18 0.23
N SER A 151 -25.38 -33.30 -1.07
CA SER A 151 -24.60 -34.20 -1.90
C SER A 151 -23.14 -33.75 -1.95
N THR A 152 -22.24 -34.72 -2.08
CA THR A 152 -20.81 -34.47 -2.12
C THR A 152 -20.18 -34.95 -3.43
N GLU A 153 -20.94 -34.91 -4.52
CA GLU A 153 -20.40 -35.31 -5.82
C GLU A 153 -19.42 -34.25 -6.33
N ILE A 154 -18.40 -34.73 -7.04
CA ILE A 154 -17.39 -33.84 -7.59
C ILE A 154 -17.99 -32.99 -8.69
N TYR A 155 -17.77 -31.68 -8.62
CA TYR A 155 -18.29 -30.76 -9.62
C TYR A 155 -17.55 -30.95 -10.93
N GLN A 156 -18.30 -31.00 -12.03
CA GLN A 156 -17.78 -31.24 -13.36
C GLN A 156 -17.76 -29.92 -14.12
N ALA A 157 -16.56 -29.45 -14.49
CA ALA A 157 -16.40 -28.19 -15.19
C ALA A 157 -16.05 -28.38 -16.66
N GLY A 158 -14.97 -29.10 -16.95
CA GLY A 158 -14.54 -29.31 -18.31
C GLY A 158 -15.26 -30.46 -18.98
N SER A 159 -14.90 -30.69 -20.25
CA SER A 159 -15.52 -31.76 -21.01
C SER A 159 -15.16 -33.12 -20.45
N THR A 160 -13.91 -33.31 -20.05
CA THR A 160 -13.44 -34.61 -19.59
C THR A 160 -14.08 -34.97 -18.25
N PRO A 161 -14.73 -36.13 -18.14
CA PRO A 161 -15.34 -36.50 -16.86
C PRO A 161 -14.30 -37.03 -15.89
N CYS A 162 -14.30 -36.47 -14.68
CA CYS A 162 -13.39 -36.87 -13.62
C CYS A 162 -14.13 -37.76 -12.63
N ASN A 163 -13.56 -38.93 -12.35
CA ASN A 163 -14.21 -39.95 -11.54
C ASN A 163 -13.43 -40.14 -10.25
N GLY A 164 -14.05 -39.77 -9.13
CA GLY A 164 -13.52 -40.05 -7.81
C GLY A 164 -12.36 -39.18 -7.37
N VAL A 165 -11.62 -38.58 -8.29
CA VAL A 165 -10.48 -37.75 -7.97
C VAL A 165 -10.62 -36.41 -8.69
N GLU A 166 -10.27 -35.33 -8.00
CA GLU A 166 -10.34 -33.99 -8.55
C GLU A 166 -8.98 -33.59 -9.10
N GLY A 167 -8.98 -33.06 -10.32
CA GLY A 167 -7.75 -32.61 -10.95
C GLY A 167 -7.96 -31.32 -11.71
N PHE A 168 -7.51 -31.28 -12.97
CA PHE A 168 -7.75 -30.11 -13.80
C PHE A 168 -9.24 -29.96 -14.05
N ASN A 169 -9.76 -28.76 -13.82
CA ASN A 169 -11.15 -28.42 -14.12
C ASN A 169 -12.13 -29.33 -13.37
N CYS A 170 -11.76 -29.72 -12.15
CA CYS A 170 -12.61 -30.54 -11.30
C CYS A 170 -12.30 -30.22 -9.85
N TYR A 171 -13.33 -29.90 -9.07
CA TYR A 171 -13.13 -29.39 -7.72
C TYR A 171 -14.16 -29.96 -6.77
N PHE A 172 -13.79 -30.03 -5.49
CA PHE A 172 -14.73 -30.38 -4.43
C PHE A 172 -15.69 -29.22 -4.19
N PRO A 173 -16.98 -29.50 -3.95
CA PRO A 173 -17.98 -28.43 -3.92
C PRO A 173 -18.23 -27.79 -2.56
N LEU A 174 -17.43 -28.08 -1.55
CA LEU A 174 -17.61 -27.49 -0.22
C LEU A 174 -16.32 -26.84 0.23
N GLN A 175 -16.44 -25.74 0.98
CA GLN A 175 -15.28 -25.06 1.54
C GLN A 175 -15.62 -24.57 2.93
N SER A 176 -14.60 -24.12 3.66
CA SER A 176 -14.71 -23.81 5.07
C SER A 176 -14.49 -22.34 5.34
N TYR A 177 -15.09 -21.86 6.43
CA TYR A 177 -14.93 -20.49 6.89
C TYR A 177 -13.73 -20.40 7.83
N GLY A 178 -12.90 -19.39 7.63
CA GLY A 178 -11.73 -19.18 8.46
C GLY A 178 -11.94 -18.21 9.61
N PHE A 179 -12.79 -18.57 10.56
CA PHE A 179 -13.11 -17.65 11.65
C PHE A 179 -11.96 -17.57 12.65
N GLN A 180 -11.51 -16.35 12.94
CA GLN A 180 -10.44 -16.09 13.89
C GLN A 180 -10.78 -14.84 14.68
N PRO A 181 -10.27 -14.71 15.91
CA PRO A 181 -10.74 -13.62 16.77
C PRO A 181 -10.35 -12.24 16.29
N THR A 182 -9.19 -12.08 15.65
CA THR A 182 -8.65 -10.76 15.31
C THR A 182 -9.11 -10.29 13.94
N ASN A 183 -10.26 -10.73 13.46
CA ASN A 183 -10.77 -10.33 12.17
C ASN A 183 -11.47 -8.99 12.30
N GLY A 184 -12.05 -8.50 11.20
CA GLY A 184 -12.72 -7.22 11.20
C GLY A 184 -14.14 -7.30 11.70
N VAL A 185 -15.07 -6.69 10.97
CA VAL A 185 -16.48 -6.76 11.31
C VAL A 185 -17.27 -7.57 10.28
N GLY A 186 -16.93 -7.42 9.01
CA GLY A 186 -17.58 -8.19 7.95
C GLY A 186 -17.04 -9.58 7.75
N TYR A 187 -16.06 -10.00 8.54
CA TYR A 187 -15.51 -11.35 8.44
C TYR A 187 -15.76 -12.19 9.68
N GLN A 188 -16.43 -11.64 10.72
CA GLN A 188 -16.75 -12.32 11.96
C GLN A 188 -18.01 -13.17 11.82
N PRO A 189 -18.13 -14.23 12.61
CA PRO A 189 -19.33 -15.09 12.51
C PRO A 189 -20.59 -14.37 12.97
N TYR A 190 -21.70 -14.75 12.35
CA TYR A 190 -23.02 -14.21 12.69
C TYR A 190 -24.03 -15.35 12.68
N ARG A 191 -24.78 -15.49 13.76
CA ARG A 191 -25.81 -16.52 13.83
C ARG A 191 -27.13 -15.96 13.34
N VAL A 192 -27.84 -16.72 12.50
CA VAL A 192 -29.03 -16.25 11.83
C VAL A 192 -30.16 -17.25 12.03
N VAL A 193 -31.34 -16.74 12.41
CA VAL A 193 -32.57 -17.51 12.54
C VAL A 193 -33.64 -16.85 11.70
N VAL A 194 -34.30 -17.64 10.86
CA VAL A 194 -35.36 -17.16 9.99
C VAL A 194 -36.66 -17.86 10.37
N LEU A 195 -37.67 -17.07 10.71
CA LEU A 195 -39.00 -17.59 11.04
C LEU A 195 -39.94 -17.36 9.87
N SER A 196 -40.65 -18.43 9.50
CA SER A 196 -41.64 -18.41 8.44
C SER A 196 -43.00 -18.81 9.01
N PHE A 197 -44.05 -18.13 8.57
CA PHE A 197 -45.39 -18.35 9.07
C PHE A 197 -46.24 -19.04 8.02
N GLU A 198 -47.05 -20.01 8.44
CA GLU A 198 -47.96 -20.71 7.54
C GLU A 198 -49.39 -20.54 8.01
N LEU A 199 -50.30 -20.32 7.05
CA LEU A 199 -51.70 -19.99 7.33
C LEU A 199 -52.62 -20.82 6.43
N LEU A 200 -52.40 -22.14 6.42
CA LEU A 200 -53.18 -23.03 5.56
C LEU A 200 -54.60 -23.19 6.11
N HIS A 201 -55.36 -24.07 5.46
CA HIS A 201 -56.76 -24.29 5.84
C HIS A 201 -56.90 -24.93 7.21
N ALA A 202 -55.83 -25.48 7.77
CA ALA A 202 -55.90 -26.08 9.10
C ALA A 202 -56.21 -25.02 10.14
N PRO A 203 -56.89 -25.38 11.22
CA PRO A 203 -57.24 -24.40 12.25
C PRO A 203 -56.01 -23.85 12.97
N ALA A 204 -56.12 -22.62 13.44
CA ALA A 204 -55.03 -21.98 14.15
C ALA A 204 -54.81 -22.65 15.50
N THR A 205 -53.54 -22.66 15.93
CA THR A 205 -53.20 -23.30 17.20
C THR A 205 -52.32 -22.44 18.09
N VAL A 206 -51.54 -21.52 17.51
CA VAL A 206 -50.49 -20.81 18.25
C VAL A 206 -50.67 -19.31 18.10
N CYS A 207 -50.73 -18.61 19.24
CA CYS A 207 -50.48 -17.17 19.35
C CYS A 207 -50.59 -16.74 20.81
N GLY A 208 -50.36 -15.44 21.02
CA GLY A 208 -50.07 -14.90 22.32
C GLY A 208 -51.23 -14.86 23.29
N PRO A 209 -51.07 -14.09 24.35
CA PRO A 209 -52.02 -14.13 25.48
C PRO A 209 -53.28 -13.32 25.19
N LYS A 210 -54.13 -13.25 26.21
CA LYS A 210 -55.42 -12.57 26.12
C LYS A 210 -55.47 -11.33 27.01
N SER B 1 -17.50 -24.84 -21.67
CA SER B 1 -16.18 -25.16 -22.20
C SER B 1 -15.44 -23.89 -22.62
N THR B 2 -16.13 -22.76 -22.55
CA THR B 2 -15.50 -21.49 -22.89
C THR B 2 -14.38 -21.18 -21.91
N ILE B 3 -13.29 -20.63 -22.44
CA ILE B 3 -12.11 -20.40 -21.61
C ILE B 3 -12.39 -19.40 -20.51
N GLU B 4 -13.23 -18.40 -20.78
CA GLU B 4 -13.53 -17.39 -19.76
C GLU B 4 -14.20 -18.03 -18.54
N GLU B 5 -15.14 -18.95 -18.75
CA GLU B 5 -15.79 -19.62 -17.63
C GLU B 5 -14.80 -20.45 -16.83
N LEU B 6 -13.89 -21.16 -17.51
CA LEU B 6 -12.90 -21.95 -16.81
C LEU B 6 -11.98 -21.08 -15.98
N ALA B 7 -11.55 -19.94 -16.54
CA ALA B 7 -10.71 -19.02 -15.78
C ALA B 7 -11.45 -18.48 -14.56
N LYS B 8 -12.73 -18.14 -14.73
CA LYS B 8 -13.52 -17.65 -13.61
C LYS B 8 -13.62 -18.71 -12.51
N THR B 9 -13.89 -19.96 -12.88
CA THR B 9 -14.01 -21.02 -11.90
C THR B 9 -12.71 -21.26 -11.17
N PHE B 10 -11.59 -21.23 -11.90
CA PHE B 10 -10.28 -21.40 -11.26
C PHE B 10 -9.99 -20.26 -10.27
N LEU B 11 -10.26 -19.02 -10.69
CA LEU B 11 -9.98 -17.89 -9.82
C LEU B 11 -10.86 -17.87 -8.58
N GLU B 12 -12.09 -18.39 -8.69
CA GLU B 12 -12.96 -18.44 -7.51
C GLU B 12 -12.36 -19.30 -6.41
N LYS B 13 -11.76 -20.44 -6.75
CA LYS B 13 -11.11 -21.27 -5.74
C LYS B 13 -9.81 -20.63 -5.26
N PHE B 14 -9.05 -20.04 -6.19
CA PHE B 14 -7.77 -19.45 -5.81
C PHE B 14 -7.94 -18.33 -4.79
N ASN B 15 -8.94 -17.47 -4.99
CA ASN B 15 -9.14 -16.36 -4.06
C ASN B 15 -9.42 -16.87 -2.66
N GLN B 16 -10.28 -17.88 -2.54
CA GLN B 16 -10.66 -18.38 -1.23
C GLN B 16 -9.48 -19.02 -0.51
N GLU B 17 -8.62 -19.75 -1.24
CA GLU B 17 -7.47 -20.36 -0.56
C GLU B 17 -6.42 -19.32 -0.19
N ALA B 18 -6.19 -18.34 -1.08
CA ALA B 18 -5.18 -17.33 -0.81
C ALA B 18 -5.57 -16.45 0.37
N GLU B 19 -6.87 -16.10 0.48
CA GLU B 19 -7.28 -15.22 1.57
C GLU B 19 -7.00 -15.80 2.95
N ASP B 20 -6.82 -17.11 3.06
CA ASP B 20 -6.46 -17.72 4.32
C ASP B 20 -4.95 -17.88 4.47
N LEU B 21 -4.28 -18.39 3.43
CA LEU B 21 -2.83 -18.58 3.57
C LEU B 21 -2.09 -17.27 3.77
N SER B 22 -2.48 -16.23 3.03
CA SER B 22 -1.82 -14.94 3.19
C SER B 22 -2.03 -14.36 4.58
N TYR B 23 -3.23 -14.50 5.12
CA TYR B 23 -3.50 -14.00 6.47
C TYR B 23 -2.63 -14.72 7.50
N GLN B 24 -2.51 -16.05 7.38
CA GLN B 24 -1.66 -16.77 8.31
C GLN B 24 -0.22 -16.31 8.23
N SER B 25 0.30 -16.14 7.01
CA SER B 25 1.68 -15.67 6.86
C SER B 25 1.87 -14.27 7.45
N ALA B 26 0.91 -13.37 7.20
CA ALA B 26 1.03 -12.01 7.70
C ALA B 26 1.00 -11.96 9.22
N LEU B 27 0.12 -12.75 9.84
CA LEU B 27 0.06 -12.78 11.29
C LEU B 27 1.35 -13.34 11.88
N ALA B 28 1.90 -14.38 11.25
CA ALA B 28 3.17 -14.92 11.71
C ALA B 28 4.28 -13.89 11.62
N SER B 29 4.32 -13.13 10.52
CA SER B 29 5.35 -12.09 10.38
C SER B 29 5.18 -10.97 11.40
N TRP B 30 3.93 -10.58 11.67
CA TRP B 30 3.68 -9.56 12.69
C TRP B 30 4.15 -10.01 14.06
N ASP B 31 3.96 -11.31 14.37
CA ASP B 31 4.44 -11.82 15.65
C ASP B 31 5.94 -11.60 15.81
N TYR B 32 6.71 -11.84 14.75
CA TYR B 32 8.15 -11.61 14.82
C TYR B 32 8.47 -10.13 14.91
N ASN B 33 7.84 -9.30 14.07
CA ASN B 33 8.18 -7.88 14.06
C ASN B 33 7.71 -7.15 15.32
N THR B 34 6.87 -7.78 16.14
CA THR B 34 6.44 -7.19 17.41
C THR B 34 7.23 -7.71 18.60
N ASN B 35 7.44 -9.03 18.68
CA ASN B 35 8.22 -9.64 19.75
C ASN B 35 9.37 -10.41 19.11
N ILE B 36 10.59 -10.11 19.52
CA ILE B 36 11.79 -10.70 18.92
C ILE B 36 12.32 -11.77 19.86
N THR B 37 12.20 -13.03 19.46
CA THR B 37 12.76 -14.15 20.20
C THR B 37 13.44 -15.12 19.26
N GLU B 38 13.80 -16.31 19.75
CA GLU B 38 14.43 -17.33 18.92
C GLU B 38 13.45 -18.36 18.39
N GLU B 39 12.19 -18.34 18.84
CA GLU B 39 11.20 -19.30 18.39
C GLU B 39 10.22 -18.73 17.37
N ASN B 40 10.05 -17.40 17.33
CA ASN B 40 9.12 -16.81 16.39
C ASN B 40 9.63 -16.89 14.95
N VAL B 41 10.95 -16.85 14.78
CA VAL B 41 11.52 -16.89 13.43
C VAL B 41 11.23 -18.22 12.75
N GLN B 42 11.21 -19.31 13.52
CA GLN B 42 10.90 -20.62 12.93
C GLN B 42 9.48 -20.65 12.39
N LYS B 43 8.51 -20.15 13.17
CA LYS B 43 7.14 -20.11 12.73
C LYS B 43 6.97 -19.21 11.50
N MET B 44 7.64 -18.05 11.51
CA MET B 44 7.57 -17.15 10.36
C MET B 44 8.12 -17.83 9.12
N ASN B 45 9.26 -18.52 9.25
CA ASN B 45 9.85 -19.19 8.10
C ASN B 45 8.95 -20.28 7.56
N ASP B 46 8.34 -21.08 8.45
CA ASP B 46 7.45 -22.14 7.99
C ASP B 46 6.25 -21.57 7.25
N ALA B 47 5.61 -20.53 7.81
CA ALA B 47 4.44 -19.95 7.15
C ALA B 47 4.81 -19.36 5.79
N GLU B 48 5.92 -18.62 5.73
CA GLU B 48 6.32 -18.02 4.46
C GLU B 48 6.66 -19.08 3.43
N ALA B 49 7.33 -20.16 3.85
CA ALA B 49 7.67 -21.23 2.91
C ALA B 49 6.42 -21.89 2.35
N LYS B 50 5.43 -22.17 3.21
CA LYS B 50 4.20 -22.78 2.72
C LYS B 50 3.49 -21.86 1.74
N TRP B 51 3.41 -20.55 2.07
CA TRP B 51 2.74 -19.61 1.18
C TRP B 51 3.45 -19.53 -0.17
N SER B 52 4.77 -19.47 -0.16
CA SER B 52 5.53 -19.38 -1.40
C SER B 52 5.35 -20.63 -2.26
N ALA B 53 5.40 -21.81 -1.63
CA ALA B 53 5.20 -23.04 -2.39
C ALA B 53 3.81 -23.09 -3.03
N PHE B 54 2.78 -22.72 -2.27
CA PHE B 54 1.43 -22.70 -2.83
C PHE B 54 1.33 -21.73 -4.00
N TYR B 55 1.89 -20.52 -3.83
CA TYR B 55 1.80 -19.53 -4.89
C TYR B 55 2.50 -20.00 -6.15
N GLU B 56 3.69 -20.60 -6.00
CA GLU B 56 4.42 -21.08 -7.17
C GLU B 56 3.67 -22.20 -7.88
N GLU B 57 3.09 -23.13 -7.12
CA GLU B 57 2.34 -24.21 -7.74
C GLU B 57 1.12 -23.68 -8.50
N GLN B 58 0.40 -22.72 -7.91
CA GLN B 58 -0.77 -22.17 -8.58
C GLN B 58 -0.38 -21.39 -9.83
N SER B 59 0.72 -20.63 -9.76
CA SER B 59 1.19 -19.91 -10.94
C SER B 59 1.58 -20.87 -12.05
N LYS B 60 2.21 -21.99 -11.70
CA LYS B 60 2.54 -22.99 -12.70
C LYS B 60 1.28 -23.57 -13.34
N LEU B 61 0.25 -23.83 -12.53
CA LEU B 61 -0.98 -24.38 -13.09
C LEU B 61 -1.75 -23.37 -13.94
N ALA B 62 -1.62 -22.07 -13.65
CA ALA B 62 -2.44 -21.06 -14.29
C ALA B 62 -1.91 -20.58 -15.63
N LYS B 63 -0.94 -21.27 -16.23
CA LYS B 63 -0.41 -20.86 -17.52
C LYS B 63 -1.08 -21.58 -18.69
N THR B 64 -2.07 -22.44 -18.44
CA THR B 64 -2.74 -23.16 -19.50
C THR B 64 -3.90 -22.38 -20.11
N TYR B 65 -4.29 -21.26 -19.52
CA TYR B 65 -5.37 -20.46 -20.06
C TYR B 65 -4.77 -19.27 -20.79
N PRO B 66 -4.81 -19.22 -22.12
CA PRO B 66 -4.17 -18.13 -22.85
C PRO B 66 -4.78 -16.78 -22.50
N SER B 67 -3.91 -15.77 -22.39
CA SER B 67 -4.36 -14.43 -22.07
C SER B 67 -4.97 -13.70 -23.26
N GLN B 68 -4.70 -14.16 -24.48
CA GLN B 68 -5.27 -13.51 -25.66
C GLN B 68 -6.73 -13.88 -25.87
N GLU B 69 -7.11 -15.13 -25.59
CA GLU B 69 -8.45 -15.59 -25.94
C GLU B 69 -9.50 -15.01 -25.00
N VAL B 70 -9.16 -14.80 -23.73
CA VAL B 70 -10.10 -14.23 -22.78
C VAL B 70 -10.44 -12.80 -23.19
N GLN B 71 -11.72 -12.46 -23.15
CA GLN B 71 -12.18 -11.15 -23.60
C GLN B 71 -12.49 -10.21 -22.45
N ASN B 72 -13.05 -10.73 -21.35
CA ASN B 72 -13.33 -9.89 -20.19
C ASN B 72 -12.03 -9.32 -19.64
N LEU B 73 -12.04 -8.01 -19.36
CA LEU B 73 -10.81 -7.33 -18.98
C LEU B 73 -10.40 -7.63 -17.55
N THR B 74 -11.36 -7.76 -16.63
CA THR B 74 -11.03 -8.05 -15.24
C THR B 74 -10.38 -9.43 -15.11
N VAL B 75 -10.98 -10.44 -15.73
CA VAL B 75 -10.41 -11.78 -15.69
C VAL B 75 -9.05 -11.81 -16.39
N LYS B 76 -8.92 -11.09 -17.49
CA LYS B 76 -7.65 -11.04 -18.20
C LYS B 76 -6.56 -10.43 -17.32
N ARG B 77 -6.88 -9.35 -16.61
CA ARG B 77 -5.89 -8.72 -15.74
C ARG B 77 -5.52 -9.65 -14.59
N GLN B 78 -6.51 -10.35 -14.02
CA GLN B 78 -6.19 -11.28 -12.93
C GLN B 78 -5.29 -12.40 -13.41
N LEU B 79 -5.58 -12.97 -14.59
CA LEU B 79 -4.72 -14.01 -15.13
C LEU B 79 -3.32 -13.48 -15.42
N GLN B 80 -3.22 -12.28 -15.97
CA GLN B 80 -1.90 -11.71 -16.25
C GLN B 80 -1.12 -11.51 -14.97
N ALA B 81 -1.77 -11.01 -13.91
CA ALA B 81 -1.11 -10.82 -12.64
C ALA B 81 -0.69 -12.13 -11.99
N LEU B 82 -1.43 -13.21 -12.22
CA LEU B 82 -1.08 -14.50 -11.64
C LEU B 82 0.01 -15.25 -12.42
N GLN B 83 0.00 -15.16 -13.75
CA GLN B 83 0.98 -15.91 -14.53
C GLN B 83 2.38 -15.32 -14.43
N GLN B 84 2.50 -13.98 -14.54
CA GLN B 84 3.82 -13.37 -14.50
C GLN B 84 4.48 -13.54 -13.14
N SER B 85 3.69 -13.50 -12.07
CA SER B 85 4.22 -13.76 -10.74
C SER B 85 4.62 -15.22 -10.61
N GLY B 86 5.82 -15.46 -10.09
CA GLY B 86 6.34 -16.81 -10.00
C GLY B 86 6.88 -17.37 -11.30
N SER B 87 6.96 -16.56 -12.36
CA SER B 87 7.49 -16.99 -13.64
C SER B 87 9.00 -16.86 -13.73
N SER B 88 9.66 -16.36 -12.68
CA SER B 88 11.11 -16.19 -12.68
C SER B 88 11.77 -17.55 -12.45
N ALA B 89 11.79 -18.36 -13.51
CA ALA B 89 12.38 -19.69 -13.45
C ALA B 89 12.91 -20.04 -14.84
N LEU B 90 14.21 -20.33 -14.92
CA LEU B 90 14.82 -20.74 -16.17
C LEU B 90 15.52 -22.09 -16.08
N SER B 91 16.23 -22.36 -14.98
CA SER B 91 16.96 -23.60 -14.77
C SER B 91 17.47 -23.60 -13.33
N ALA B 92 17.49 -24.79 -12.71
CA ALA B 92 17.89 -24.88 -11.31
C ALA B 92 19.35 -24.50 -11.13
N ASP B 93 20.22 -24.95 -12.04
CA ASP B 93 21.66 -24.73 -11.88
C ASP B 93 21.99 -23.25 -11.92
N LYS B 94 21.40 -22.50 -12.85
CA LYS B 94 21.68 -21.07 -12.93
C LYS B 94 20.93 -20.30 -11.84
N SER B 95 19.76 -20.78 -11.44
CA SER B 95 19.03 -20.12 -10.35
C SER B 95 19.80 -20.18 -9.05
N LYS B 96 20.43 -21.32 -8.76
CA LYS B 96 21.25 -21.43 -7.55
C LYS B 96 22.40 -20.44 -7.60
N GLN B 97 23.05 -20.32 -8.76
CA GLN B 97 24.16 -19.38 -8.91
C GLN B 97 23.69 -17.95 -8.71
N LEU B 98 22.55 -17.59 -9.30
CA LEU B 98 22.03 -16.23 -9.16
C LEU B 98 21.69 -15.92 -7.71
N ASN B 99 21.06 -16.87 -7.01
CA ASN B 99 20.71 -16.65 -5.62
C ASN B 99 21.97 -16.49 -4.76
N THR B 100 22.98 -17.33 -4.98
CA THR B 100 24.22 -17.20 -4.22
C THR B 100 24.91 -15.87 -4.49
N ILE B 101 24.92 -15.44 -5.75
CA ILE B 101 25.54 -14.16 -6.10
C ILE B 101 24.81 -13.01 -5.42
N LEU B 102 23.48 -13.03 -5.44
CA LEU B 102 22.72 -11.97 -4.78
C LEU B 102 22.98 -11.96 -3.29
N SER B 103 23.03 -13.14 -2.66
CA SER B 103 23.26 -13.19 -1.22
C SER B 103 24.65 -12.68 -0.86
N THR B 104 25.68 -13.08 -1.60
CA THR B 104 27.02 -12.64 -1.29
C THR B 104 27.24 -11.18 -1.64
N MET B 105 26.47 -10.63 -2.58
CA MET B 105 26.54 -9.21 -2.85
C MET B 105 25.82 -8.40 -1.78
N SER B 106 24.76 -8.96 -1.21
CA SER B 106 24.03 -8.26 -0.16
C SER B 106 24.77 -8.29 1.16
N THR B 107 25.48 -9.39 1.46
CA THR B 107 26.13 -9.50 2.77
C THR B 107 27.37 -8.62 2.87
N ILE B 108 28.06 -8.38 1.76
CA ILE B 108 29.29 -7.57 1.82
C ILE B 108 28.95 -6.12 2.13
N TYR B 109 27.78 -5.65 1.66
CA TYR B 109 27.39 -4.27 1.91
C TYR B 109 27.15 -4.02 3.39
N SER B 110 26.53 -4.96 4.08
CA SER B 110 26.15 -4.75 5.48
C SER B 110 27.38 -4.74 6.39
N THR B 111 28.27 -5.71 6.24
CA THR B 111 29.38 -5.90 7.16
C THR B 111 30.67 -5.22 6.68
N GLY B 112 30.54 -4.17 5.88
CA GLY B 112 31.73 -3.47 5.43
C GLY B 112 32.36 -2.67 6.56
N LYS B 113 33.68 -2.52 6.49
CA LYS B 113 34.44 -1.75 7.47
C LYS B 113 35.41 -0.83 6.73
N VAL B 114 35.78 0.27 7.39
CA VAL B 114 36.73 1.20 6.81
C VAL B 114 38.08 1.09 7.52
N CYS B 123 38.50 1.53 12.90
CA CYS B 123 37.51 0.82 12.09
C CYS B 123 36.11 1.32 12.42
N PHE B 124 35.49 2.00 11.45
CA PHE B 124 34.16 2.57 11.60
C PHE B 124 33.19 1.87 10.67
N LEU B 125 32.05 1.43 11.21
CA LEU B 125 31.00 0.81 10.41
C LEU B 125 30.08 1.89 9.87
N LEU B 126 29.45 1.62 8.74
CA LEU B 126 28.70 2.64 8.01
C LEU B 126 27.59 3.28 8.82
N GLU B 127 26.58 2.51 9.20
CA GLU B 127 25.33 3.12 9.69
C GLU B 127 25.51 3.97 10.94
N PRO B 128 26.18 3.52 12.02
CA PRO B 128 26.32 4.39 13.19
C PRO B 128 27.22 5.60 12.97
N GLY B 129 28.41 5.37 12.41
CA GLY B 129 29.44 6.40 12.41
C GLY B 129 29.66 7.14 11.10
N LEU B 130 29.68 6.43 9.99
CA LEU B 130 29.96 7.09 8.71
C LEU B 130 28.85 8.05 8.32
N ASP B 131 27.60 7.69 8.59
CA ASP B 131 26.50 8.61 8.30
C ASP B 131 26.63 9.90 9.09
N GLU B 132 26.98 9.79 10.38
CA GLU B 132 27.17 10.98 11.20
C GLU B 132 28.34 11.82 10.71
N ILE B 133 29.45 11.18 10.35
CA ILE B 133 30.61 11.96 9.92
C ILE B 133 30.35 12.61 8.58
N MET B 134 29.50 12.01 7.75
CA MET B 134 29.13 12.64 6.49
C MET B 134 28.09 13.74 6.66
N ALA B 135 27.25 13.65 7.69
CA ALA B 135 26.16 14.61 7.86
C ALA B 135 26.51 15.79 8.75
N LYS B 136 27.56 15.70 9.56
CA LYS B 136 27.87 16.78 10.49
C LYS B 136 29.21 17.45 10.24
N SER B 137 30.25 16.67 9.95
CA SER B 137 31.60 17.22 9.89
C SER B 137 31.73 18.26 8.80
N THR B 138 32.57 19.26 9.06
CA THR B 138 32.79 20.39 8.16
C THR B 138 34.27 20.54 7.83
N ASP B 139 34.97 19.42 7.71
CA ASP B 139 36.39 19.41 7.35
C ASP B 139 36.57 18.76 6.00
N TYR B 140 37.38 19.38 5.13
CA TYR B 140 37.60 18.85 3.79
C TYR B 140 38.29 17.50 3.84
N ASN B 141 39.37 17.40 4.60
CA ASN B 141 40.19 16.20 4.60
C ASN B 141 39.44 15.00 5.16
N GLU B 142 38.70 15.17 6.27
CA GLU B 142 37.97 14.05 6.84
C GLU B 142 36.92 13.52 5.89
N ARG B 143 36.17 14.41 5.25
CA ARG B 143 35.12 13.98 4.34
C ARG B 143 35.72 13.27 3.13
N LEU B 144 36.80 13.80 2.56
CA LEU B 144 37.42 13.12 1.42
C LEU B 144 37.96 11.77 1.83
N TRP B 145 38.55 11.69 3.03
CA TRP B 145 39.02 10.40 3.54
C TRP B 145 37.90 9.39 3.61
N ALA B 146 36.78 9.75 4.23
CA ALA B 146 35.67 8.81 4.35
C ALA B 146 35.10 8.41 2.99
N TRP B 147 34.96 9.38 2.08
CA TRP B 147 34.41 9.09 0.77
C TRP B 147 35.28 8.09 0.01
N GLU B 148 36.58 8.39 -0.09
CA GLU B 148 37.48 7.50 -0.81
C GLU B 148 37.59 6.14 -0.12
N GLY B 149 37.64 6.12 1.20
CA GLY B 149 37.74 4.84 1.90
C GLY B 149 36.53 3.96 1.66
N TRP B 150 35.34 4.53 1.77
CA TRP B 150 34.14 3.73 1.56
C TRP B 150 34.04 3.24 0.13
N ARG B 151 34.40 4.09 -0.83
CA ARG B 151 34.38 3.63 -2.22
C ARG B 151 35.53 2.71 -2.57
N SER B 152 36.53 2.58 -1.69
CA SER B 152 37.64 1.67 -1.93
C SER B 152 37.48 0.32 -1.25
N VAL B 153 36.82 0.24 -0.11
CA VAL B 153 36.68 -1.02 0.62
C VAL B 153 35.52 -1.85 0.07
N VAL B 154 34.46 -1.21 -0.39
CA VAL B 154 33.29 -1.94 -0.86
C VAL B 154 33.22 -1.91 -2.39
N GLY B 155 33.50 -0.76 -3.00
CA GLY B 155 33.39 -0.65 -4.45
C GLY B 155 34.36 -1.55 -5.18
N LYS B 156 35.61 -1.61 -4.72
CA LYS B 156 36.61 -2.43 -5.40
C LYS B 156 36.36 -3.92 -5.20
N GLN B 157 35.43 -4.29 -4.34
CA GLN B 157 35.16 -5.70 -4.05
C GLN B 157 33.80 -6.13 -4.59
N LEU B 158 33.27 -5.41 -5.59
CA LEU B 158 31.98 -5.75 -6.17
C LEU B 158 31.94 -5.71 -7.68
N ARG B 159 33.01 -5.29 -8.36
CA ARG B 159 32.96 -5.17 -9.81
C ARG B 159 32.74 -6.51 -10.52
N PRO B 160 33.52 -7.58 -10.26
CA PRO B 160 33.27 -8.84 -10.95
C PRO B 160 31.91 -9.44 -10.63
N LEU B 161 31.45 -9.30 -9.39
CA LEU B 161 30.15 -9.84 -9.01
C LEU B 161 29.04 -9.17 -9.82
N TYR B 162 29.10 -7.85 -9.96
CA TYR B 162 28.09 -7.13 -10.73
C TYR B 162 28.22 -7.42 -12.22
N GLU B 163 29.44 -7.63 -12.70
CA GLU B 163 29.63 -7.97 -14.11
C GLU B 163 29.00 -9.32 -14.44
N GLU B 164 29.08 -10.28 -13.50
CA GLU B 164 28.35 -11.53 -13.67
C GLU B 164 26.85 -11.36 -13.48
N TYR B 165 26.44 -10.50 -12.54
CA TYR B 165 25.04 -10.27 -12.26
C TYR B 165 24.29 -9.73 -13.46
N VAL B 166 24.90 -8.79 -14.19
CA VAL B 166 24.20 -8.18 -15.33
C VAL B 166 23.88 -9.23 -16.40
N VAL B 167 24.86 -10.06 -16.76
CA VAL B 167 24.62 -11.04 -17.82
C VAL B 167 23.68 -12.15 -17.34
N LEU B 168 23.84 -12.60 -16.09
CA LEU B 168 22.96 -13.65 -15.60
C LEU B 168 21.52 -13.18 -15.49
N LYS B 169 21.30 -11.90 -15.17
CA LYS B 169 19.94 -11.38 -15.11
C LYS B 169 19.39 -11.13 -16.51
N ASN B 170 20.25 -10.71 -17.44
CA ASN B 170 19.81 -10.50 -18.81
C ASN B 170 19.34 -11.80 -19.45
N GLU B 171 20.02 -12.91 -19.14
CA GLU B 171 19.56 -14.20 -19.66
C GLU B 171 18.15 -14.52 -19.17
N MET B 172 17.89 -14.30 -17.88
CA MET B 172 16.57 -14.57 -17.33
C MET B 172 15.53 -13.65 -17.95
N ALA B 173 15.90 -12.39 -18.17
CA ALA B 173 14.96 -11.47 -18.80
C ALA B 173 14.62 -11.91 -20.22
N ARG B 174 15.61 -12.32 -21.00
CA ARG B 174 15.36 -12.75 -22.36
C ARG B 174 14.52 -14.03 -22.40
N ALA B 175 14.76 -14.95 -21.46
CA ALA B 175 14.04 -16.21 -21.48
C ALA B 175 12.54 -16.04 -21.23
N ASN B 176 12.11 -14.89 -20.70
CA ASN B 176 10.73 -14.67 -20.32
C ASN B 176 10.00 -13.72 -21.28
N ASN B 177 10.34 -13.78 -22.57
CA ASN B 177 9.68 -13.07 -23.66
C ASN B 177 9.91 -11.55 -23.63
N TYR B 178 10.59 -11.02 -22.63
CA TYR B 178 10.90 -9.60 -22.61
C TYR B 178 12.16 -9.33 -23.42
N GLU B 179 12.47 -8.05 -23.59
CA GLU B 179 13.67 -7.67 -24.34
C GLU B 179 14.91 -7.77 -23.47
N ASP B 180 14.98 -6.97 -22.41
CA ASP B 180 16.06 -6.99 -21.43
C ASP B 180 15.47 -6.81 -20.03
N TYR B 181 16.34 -6.72 -19.03
CA TYR B 181 15.88 -6.52 -17.67
C TYR B 181 15.26 -5.14 -17.47
N GLY B 182 15.76 -4.14 -18.19
CA GLY B 182 15.14 -2.83 -18.12
C GLY B 182 13.71 -2.85 -18.58
N ASP B 183 13.42 -3.59 -19.65
CA ASP B 183 12.03 -3.76 -20.08
C ASP B 183 11.21 -4.48 -19.02
N TYR B 184 11.83 -5.38 -18.26
CA TYR B 184 11.13 -6.06 -17.19
C TYR B 184 10.74 -5.08 -16.08
N TRP B 185 11.67 -4.20 -15.70
CA TRP B 185 11.37 -3.21 -14.67
C TRP B 185 10.37 -2.16 -15.12
N ARG B 186 10.28 -1.90 -16.42
CA ARG B 186 9.36 -0.89 -16.95
C ARG B 186 7.99 -1.46 -17.27
N ALA B 187 7.74 -2.74 -16.96
CA ALA B 187 6.47 -3.37 -17.26
C ALA B 187 5.37 -2.99 -16.27
N ASP B 188 5.70 -2.33 -15.16
CA ASP B 188 4.69 -1.91 -14.21
C ASP B 188 3.79 -0.83 -14.75
N TYR B 189 4.27 -0.05 -15.72
CA TYR B 189 3.53 1.08 -16.26
C TYR B 189 2.73 0.74 -17.50
N GLU B 190 2.75 -0.52 -17.94
CA GLU B 190 1.97 -0.92 -19.09
C GLU B 190 0.48 -0.89 -18.77
N ALA B 191 -0.29 -0.25 -19.63
CA ALA B 191 -1.74 -0.13 -19.44
C ALA B 191 -2.45 -0.50 -20.72
N GLU B 192 -3.42 -1.41 -20.61
CA GLU B 192 -4.25 -1.83 -21.73
C GLU B 192 -5.70 -1.53 -21.41
N GLY B 193 -6.42 -0.96 -22.37
CA GLY B 193 -7.78 -0.55 -22.14
C GLY B 193 -8.47 0.03 -23.35
N ALA B 194 -9.11 1.19 -23.18
CA ALA B 194 -9.83 1.82 -24.28
C ALA B 194 -8.87 2.54 -25.22
N ASP B 195 -9.41 3.37 -26.11
CA ASP B 195 -8.60 3.97 -27.17
C ASP B 195 -7.48 4.83 -26.60
N GLY B 196 -7.82 5.78 -25.73
CA GLY B 196 -6.85 6.73 -25.23
C GLY B 196 -6.18 6.35 -23.93
N TYR B 197 -6.42 5.15 -23.42
CA TYR B 197 -5.88 4.73 -22.12
C TYR B 197 -4.73 3.75 -22.26
N ASP B 198 -4.19 3.59 -23.47
CA ASP B 198 -3.12 2.63 -23.70
C ASP B 198 -1.76 3.29 -23.44
N TYR B 199 -0.96 2.67 -22.59
CA TYR B 199 0.39 3.13 -22.30
C TYR B 199 1.36 1.99 -22.58
N SER B 200 2.34 2.25 -23.43
CA SER B 200 3.36 1.27 -23.77
C SER B 200 4.63 1.54 -22.97
N ARG B 201 5.37 0.47 -22.69
CA ARG B 201 6.58 0.60 -21.89
C ARG B 201 7.60 1.48 -22.59
N SER B 202 7.80 1.28 -23.90
CA SER B 202 8.83 2.00 -24.63
C SER B 202 8.56 3.50 -24.67
N GLN B 203 7.35 3.92 -24.34
CA GLN B 203 7.04 5.34 -24.25
C GLN B 203 7.61 6.01 -23.02
N LEU B 204 7.74 5.28 -21.91
CA LEU B 204 8.11 5.91 -20.64
C LEU B 204 9.47 6.58 -20.73
N ILE B 205 10.45 5.91 -21.34
CA ILE B 205 11.79 6.47 -21.45
C ILE B 205 11.76 7.83 -22.13
N ASP B 206 10.77 8.05 -23.01
CA ASP B 206 10.61 9.37 -23.59
C ASP B 206 10.00 10.33 -22.57
N ASP B 207 8.87 9.97 -21.98
CA ASP B 207 8.09 10.93 -21.19
C ASP B 207 8.91 11.50 -20.05
N VAL B 208 9.54 10.64 -19.25
CA VAL B 208 10.41 11.08 -18.18
C VAL B 208 11.34 12.19 -18.67
N GLU B 209 12.06 11.92 -19.77
CA GLU B 209 13.03 12.89 -20.26
C GLU B 209 12.38 14.24 -20.51
N ARG B 210 11.22 14.24 -21.17
CA ARG B 210 10.52 15.49 -21.46
C ARG B 210 10.30 16.28 -20.18
N THR B 211 9.80 15.62 -19.13
CA THR B 211 9.52 16.34 -17.89
C THR B 211 10.77 16.97 -17.33
N PHE B 212 11.92 16.27 -17.40
CA PHE B 212 13.14 16.84 -16.86
C PHE B 212 13.51 18.14 -17.55
N SER B 213 13.18 18.28 -18.84
CA SER B 213 13.53 19.51 -19.54
C SER B 213 12.83 20.72 -18.95
N GLU B 214 11.74 20.51 -18.21
CA GLU B 214 11.06 21.64 -17.59
C GLU B 214 11.63 21.95 -16.21
N ILE B 215 12.32 20.99 -15.59
CA ILE B 215 12.84 21.23 -14.24
C ILE B 215 14.26 21.81 -14.27
N LYS B 216 14.95 21.73 -15.39
CA LYS B 216 16.31 22.28 -15.48
C LYS B 216 16.39 23.77 -15.18
N PRO B 217 15.50 24.63 -15.70
CA PRO B 217 15.63 26.07 -15.37
C PRO B 217 15.55 26.37 -13.88
N LEU B 218 14.74 25.63 -13.11
CA LEU B 218 14.65 25.88 -11.68
C LEU B 218 15.88 25.36 -10.95
N TYR B 219 16.14 24.06 -11.06
CA TYR B 219 17.25 23.42 -10.36
C TYR B 219 18.56 24.16 -10.60
N GLU B 220 18.80 24.60 -11.83
CA GLU B 220 20.03 25.31 -12.16
C GLU B 220 20.23 26.51 -11.23
N GLN B 221 19.18 27.33 -11.06
CA GLN B 221 19.28 28.46 -10.15
C GLN B 221 19.69 28.00 -8.76
N LEU B 222 19.06 26.95 -8.26
CA LEU B 222 19.41 26.44 -6.94
C LEU B 222 20.88 26.00 -6.92
N HIS B 223 21.34 25.36 -7.99
CA HIS B 223 22.73 24.93 -8.06
C HIS B 223 23.68 26.10 -7.94
N ALA B 224 23.27 27.27 -8.45
CA ALA B 224 24.08 28.46 -8.25
C ALA B 224 24.03 28.93 -6.80
N PHE B 225 22.83 29.00 -6.24
CA PHE B 225 22.67 29.60 -4.91
C PHE B 225 23.42 28.80 -3.86
N VAL B 226 23.39 27.48 -3.97
CA VAL B 226 24.19 26.65 -3.06
C VAL B 226 25.67 26.93 -3.25
N ARG B 227 26.12 27.00 -4.50
CA ARG B 227 27.56 27.11 -4.76
C ARG B 227 28.13 28.39 -4.17
N THR B 228 27.50 29.52 -4.45
CA THR B 228 27.98 30.79 -3.90
C THR B 228 27.88 30.82 -2.39
N LYS B 229 27.11 29.92 -1.78
CA LYS B 229 27.06 29.84 -0.33
C LYS B 229 28.18 28.97 0.24
N LEU B 230 28.67 28.00 -0.52
CA LEU B 230 29.83 27.24 -0.06
C LEU B 230 31.12 28.03 -0.16
N MET B 231 31.12 29.13 -0.93
CA MET B 231 32.29 29.99 -1.02
C MET B 231 32.80 30.38 0.36
N ASP B 232 31.89 30.72 1.28
CA ASP B 232 32.28 31.07 2.63
C ASP B 232 32.63 29.86 3.46
N ALA B 233 32.00 28.71 3.21
CA ALA B 233 32.26 27.53 4.02
C ALA B 233 33.70 27.06 3.87
N TYR B 234 34.20 27.05 2.64
CA TYR B 234 35.58 26.69 2.34
C TYR B 234 36.18 27.79 1.48
N PRO B 235 37.28 28.40 1.87
CA PRO B 235 37.73 29.64 1.21
C PRO B 235 38.11 29.48 -0.26
N SER B 236 39.04 28.59 -0.56
CA SER B 236 39.63 28.54 -1.91
C SER B 236 39.81 27.09 -2.35
N ARG B 237 38.77 26.27 -2.19
CA ARG B 237 38.86 24.88 -2.58
C ARG B 237 37.87 24.47 -3.67
N ILE B 238 36.87 25.29 -3.98
CA ILE B 238 35.90 24.95 -5.01
C ILE B 238 35.89 26.05 -6.05
N SER B 239 35.55 25.67 -7.28
CA SER B 239 35.60 26.59 -8.41
C SER B 239 34.45 27.59 -8.33
N PRO B 240 34.65 28.81 -8.84
CA PRO B 240 33.57 29.79 -8.87
C PRO B 240 32.68 29.72 -10.10
N THR B 241 33.00 28.84 -11.05
CA THR B 241 32.14 28.64 -12.22
C THR B 241 32.01 27.18 -12.60
N GLY B 242 32.59 26.25 -11.83
CA GLY B 242 32.53 24.84 -12.13
C GLY B 242 31.55 24.09 -11.25
N CYS B 243 31.62 22.76 -11.37
CA CYS B 243 30.71 21.88 -10.65
C CYS B 243 31.12 21.76 -9.18
N LEU B 244 30.15 21.35 -8.36
CA LEU B 244 30.39 21.15 -6.93
C LEU B 244 31.14 19.84 -6.70
N PRO B 245 32.10 19.81 -5.76
CA PRO B 245 32.76 18.55 -5.42
C PRO B 245 31.77 17.56 -4.81
N ALA B 246 32.06 16.27 -5.00
CA ALA B 246 31.10 15.23 -4.67
C ALA B 246 30.90 15.07 -3.16
N HIS B 247 31.96 15.21 -2.37
CA HIS B 247 31.89 14.85 -0.95
C HIS B 247 31.32 15.96 -0.08
N LEU B 248 31.00 17.12 -0.65
CA LEU B 248 30.49 18.25 0.12
C LEU B 248 29.00 18.47 -0.10
N LEU B 249 28.25 17.40 -0.35
CA LEU B 249 26.83 17.50 -0.67
C LEU B 249 25.92 17.08 0.48
N GLY B 250 26.47 16.72 1.64
CA GLY B 250 25.70 16.46 2.82
C GLY B 250 25.45 14.99 3.13
N ASP B 251 25.62 14.11 2.16
CA ASP B 251 25.47 12.68 2.36
C ASP B 251 26.65 11.96 1.70
N MET B 252 26.68 10.64 1.84
CA MET B 252 27.73 9.86 1.22
C MET B 252 27.60 9.89 -0.31
N TRP B 253 26.37 9.97 -0.81
CA TRP B 253 26.12 9.88 -2.24
C TRP B 253 25.65 11.18 -2.86
N GLY B 254 25.10 12.10 -2.08
CA GLY B 254 24.49 13.29 -2.63
C GLY B 254 23.02 13.14 -2.96
N ARG B 255 22.35 12.12 -2.41
CA ARG B 255 20.95 11.91 -2.72
C ARG B 255 20.08 13.05 -2.20
N PHE B 256 20.34 13.52 -0.99
CA PHE B 256 19.57 14.59 -0.38
C PHE B 256 20.51 15.70 0.06
N TRP B 257 20.05 16.94 -0.07
CA TRP B 257 20.80 18.11 0.36
C TRP B 257 20.26 18.71 1.65
N THR B 258 19.50 17.93 2.43
CA THR B 258 18.87 18.45 3.62
C THR B 258 19.87 18.89 4.69
N ASN B 259 21.08 18.35 4.66
CA ASN B 259 22.06 18.63 5.68
C ASN B 259 22.82 19.93 5.45
N LEU B 260 22.55 20.63 4.34
CA LEU B 260 23.19 21.89 4.04
C LEU B 260 22.36 23.10 4.46
N TYR B 261 21.29 22.88 5.23
CA TYR B 261 20.42 23.99 5.60
C TYR B 261 21.13 25.01 6.48
N SER B 262 22.00 24.53 7.38
CA SER B 262 22.67 25.45 8.30
C SER B 262 23.57 26.43 7.54
N LEU B 263 24.32 25.94 6.56
CA LEU B 263 25.17 26.84 5.78
C LEU B 263 24.36 27.67 4.81
N THR B 264 23.40 27.05 4.12
CA THR B 264 22.60 27.70 3.08
C THR B 264 21.25 28.06 3.68
N VAL B 265 21.20 29.18 4.39
CA VAL B 265 19.96 29.69 4.96
C VAL B 265 19.87 31.18 4.67
N PRO B 266 18.73 31.67 4.18
CA PRO B 266 18.63 33.09 3.83
C PRO B 266 18.73 34.01 5.03
N PHE B 267 17.93 33.73 6.06
CA PHE B 267 17.86 34.56 7.26
C PHE B 267 17.94 33.65 8.47
N GLY B 268 19.09 33.68 9.15
CA GLY B 268 19.30 32.84 10.31
C GLY B 268 18.84 33.41 11.64
N GLN B 269 18.30 34.62 11.65
CA GLN B 269 17.87 35.27 12.89
C GLN B 269 16.40 35.03 13.19
N LYS B 270 15.66 34.37 12.32
CA LYS B 270 14.25 34.06 12.56
C LYS B 270 14.06 32.55 12.63
N PRO B 271 13.84 31.98 13.81
CA PRO B 271 13.66 30.54 13.92
C PRO B 271 12.35 30.09 13.29
N ASN B 272 12.32 28.84 12.87
CA ASN B 272 11.15 28.27 12.21
C ASN B 272 10.11 27.85 13.26
N ILE B 273 9.02 27.28 12.77
CA ILE B 273 7.90 26.90 13.63
C ILE B 273 8.25 25.60 14.35
N ASP B 274 8.18 25.62 15.67
CA ASP B 274 8.36 24.43 16.49
C ASP B 274 7.27 24.41 17.56
N VAL B 275 6.62 23.26 17.72
CA VAL B 275 5.49 23.13 18.63
C VAL B 275 5.73 22.08 19.70
N THR B 276 6.95 21.54 19.80
CA THR B 276 7.22 20.48 20.77
C THR B 276 7.06 20.99 22.20
N ASP B 277 7.57 22.19 22.48
CA ASP B 277 7.46 22.74 23.83
C ASP B 277 6.01 22.96 24.23
N THR B 278 5.21 23.51 23.32
CA THR B 278 3.78 23.68 23.61
C THR B 278 3.08 22.35 23.78
N MET B 279 3.46 21.35 22.98
CA MET B 279 2.85 20.03 23.12
C MET B 279 3.17 19.41 24.47
N VAL B 280 4.41 19.60 24.95
CA VAL B 280 4.77 19.08 26.26
C VAL B 280 4.02 19.81 27.36
N ASN B 281 3.96 21.15 27.27
CA ASN B 281 3.33 21.93 28.34
C ASN B 281 1.83 21.68 28.41
N GLN B 282 1.17 21.54 27.26
CA GLN B 282 -0.27 21.29 27.25
C GLN B 282 -0.63 19.91 27.76
N GLY B 283 0.34 19.02 27.90
CA GLY B 283 0.07 17.70 28.44
C GLY B 283 -0.57 16.77 27.42
N TRP B 284 0.16 16.48 26.35
CA TRP B 284 -0.32 15.56 25.32
C TRP B 284 0.27 14.17 25.54
N ASP B 285 -0.32 13.20 24.84
CA ASP B 285 0.13 11.81 24.95
C ASP B 285 0.18 11.23 23.53
N ALA B 286 0.68 10.00 23.44
CA ALA B 286 0.80 9.34 22.14
C ALA B 286 -0.56 9.14 21.50
N GLU B 287 -1.57 8.76 22.29
CA GLU B 287 -2.88 8.47 21.73
C GLU B 287 -3.56 9.74 21.21
N ARG B 288 -3.27 10.89 21.82
CA ARG B 288 -3.91 12.13 21.39
C ARG B 288 -3.49 12.50 19.98
N ILE B 289 -2.25 12.20 19.59
CA ILE B 289 -1.80 12.47 18.24
C ILE B 289 -2.63 11.69 17.23
N PHE B 290 -2.86 10.41 17.51
CA PHE B 290 -3.66 9.61 16.59
C PHE B 290 -5.12 10.04 16.60
N LYS B 291 -5.64 10.47 17.75
CA LYS B 291 -7.00 10.98 17.79
C LYS B 291 -7.15 12.22 16.91
N GLU B 292 -6.18 13.15 16.99
CA GLU B 292 -6.22 14.33 16.14
C GLU B 292 -6.06 13.96 14.66
N ALA B 293 -5.20 12.99 14.36
CA ALA B 293 -5.02 12.58 12.97
C ALA B 293 -6.32 11.98 12.41
N GLU B 294 -7.02 11.19 13.22
CA GLU B 294 -8.31 10.65 12.79
C GLU B 294 -9.33 11.76 12.61
N LYS B 295 -9.35 12.74 13.52
CA LYS B 295 -10.26 13.86 13.38
C LYS B 295 -10.01 14.65 12.11
N PHE B 296 -8.74 14.70 11.68
CA PHE B 296 -8.44 15.37 10.42
C PHE B 296 -9.10 14.65 9.24
N PHE B 297 -9.08 13.31 9.24
CA PHE B 297 -9.64 12.56 8.14
C PHE B 297 -11.16 12.48 8.18
N VAL B 298 -11.77 12.50 9.36
CA VAL B 298 -13.22 12.38 9.44
C VAL B 298 -13.91 13.64 8.91
N SER B 299 -13.18 14.76 8.85
CA SER B 299 -13.76 16.02 8.42
C SER B 299 -13.70 16.24 6.91
N VAL B 300 -13.10 15.32 6.15
CA VAL B 300 -13.03 15.47 4.71
C VAL B 300 -13.94 14.52 3.95
N GLY B 301 -14.50 13.52 4.62
CA GLY B 301 -15.43 12.61 3.96
C GLY B 301 -14.90 11.20 3.82
N LEU B 302 -14.11 10.75 4.78
CA LEU B 302 -13.52 9.43 4.76
C LEU B 302 -13.86 8.70 6.05
N PRO B 303 -13.95 7.37 6.01
CA PRO B 303 -14.42 6.62 7.18
C PRO B 303 -13.45 6.72 8.36
N SER B 304 -14.03 6.62 9.56
CA SER B 304 -13.24 6.55 10.77
C SER B 304 -12.66 5.15 10.94
N MET B 305 -11.61 5.06 11.74
CA MET B 305 -10.89 3.81 11.88
C MET B 305 -11.70 2.80 12.70
N THR B 306 -11.38 1.53 12.50
CA THR B 306 -12.13 0.43 13.08
C THR B 306 -11.84 0.29 14.58
N GLN B 307 -12.71 -0.48 15.25
CA GLN B 307 -12.51 -0.75 16.67
C GLN B 307 -11.27 -1.59 16.91
N GLY B 308 -11.02 -2.58 16.06
CA GLY B 308 -9.87 -3.46 16.23
C GLY B 308 -8.54 -2.75 16.10
N PHE B 309 -8.50 -1.64 15.38
CA PHE B 309 -7.26 -0.88 15.25
C PHE B 309 -6.75 -0.42 16.61
N TRP B 310 -7.65 0.11 17.44
CA TRP B 310 -7.22 0.61 18.75
C TRP B 310 -6.78 -0.54 19.66
N GLU B 311 -7.47 -1.67 19.59
CA GLU B 311 -7.18 -2.78 20.49
C GLU B 311 -5.92 -3.53 20.12
N ASN B 312 -5.61 -3.64 18.82
CA ASN B 312 -4.53 -4.52 18.38
C ASN B 312 -3.25 -3.79 18.01
N SER B 313 -3.32 -2.51 17.68
CA SER B 313 -2.13 -1.80 17.19
C SER B 313 -1.15 -1.50 18.32
N MET B 314 0.12 -1.42 17.95
CA MET B 314 1.19 -0.99 18.85
C MET B 314 1.50 0.47 18.58
N LEU B 315 1.31 1.32 19.58
CA LEU B 315 1.51 2.76 19.44
C LEU B 315 2.57 3.33 20.37
N THR B 316 3.26 2.49 21.14
CA THR B 316 4.34 2.96 22.00
C THR B 316 5.28 1.79 22.28
N GLU B 317 6.50 2.13 22.67
CA GLU B 317 7.48 1.10 23.01
C GLU B 317 7.09 0.41 24.30
N PRO B 318 7.02 -0.92 24.32
CA PRO B 318 6.63 -1.63 25.55
C PRO B 318 7.82 -1.75 26.49
N GLY B 319 7.58 -1.44 27.76
CA GLY B 319 8.59 -1.49 28.80
C GLY B 319 8.68 -2.78 29.57
N ASP B 320 8.01 -3.83 29.11
CA ASP B 320 8.00 -5.12 29.80
C ASP B 320 9.22 -5.97 29.47
N GLY B 321 10.28 -5.37 28.93
CA GLY B 321 11.49 -6.09 28.60
C GLY B 321 11.53 -6.68 27.20
N ARG B 322 10.47 -6.53 26.42
CA ARG B 322 10.47 -7.07 25.07
C ARG B 322 11.35 -6.22 24.15
N LYS B 323 11.83 -6.84 23.08
CA LYS B 323 12.63 -6.16 22.07
C LYS B 323 11.80 -5.94 20.81
N VAL B 324 11.70 -4.69 20.38
CA VAL B 324 10.93 -4.31 19.21
C VAL B 324 11.79 -3.42 18.32
N VAL B 325 11.64 -3.60 17.01
CA VAL B 325 12.31 -2.70 16.06
C VAL B 325 11.54 -1.40 15.89
N CYS B 326 10.21 -1.50 15.76
CA CYS B 326 9.28 -0.36 15.78
C CYS B 326 9.68 0.74 14.80
N HIS B 327 10.20 0.34 13.66
CA HIS B 327 10.31 1.26 12.53
C HIS B 327 8.92 1.55 12.01
N PRO B 328 8.52 2.84 11.89
CA PRO B 328 7.12 3.16 11.61
C PRO B 328 6.58 2.54 10.32
N THR B 329 5.58 1.67 10.46
CA THR B 329 4.99 0.97 9.32
C THR B 329 3.48 0.87 9.51
N ALA B 330 2.79 0.62 8.40
CA ALA B 330 1.36 0.39 8.38
C ALA B 330 1.10 -0.97 7.75
N TRP B 331 0.34 -1.81 8.44
CA TRP B 331 0.09 -3.18 8.03
C TRP B 331 -1.38 -3.38 7.65
N ASP B 332 -1.59 -4.08 6.54
CA ASP B 332 -2.91 -4.50 6.09
C ASP B 332 -2.88 -6.03 6.01
N LEU B 333 -3.25 -6.69 7.11
CA LEU B 333 -3.11 -8.13 7.18
C LEU B 333 -4.18 -8.88 6.40
N GLY B 334 -5.20 -8.18 5.90
CA GLY B 334 -6.32 -8.82 5.24
C GLY B 334 -7.39 -9.24 6.22
N LYS B 335 -8.52 -9.67 5.67
CA LYS B 335 -9.69 -10.09 6.45
C LYS B 335 -10.14 -8.99 7.40
N GLY B 336 -10.04 -7.74 6.95
CA GLY B 336 -10.47 -6.62 7.76
C GLY B 336 -9.58 -6.29 8.93
N ASP B 337 -8.27 -6.54 8.82
CA ASP B 337 -7.33 -6.27 9.89
C ASP B 337 -6.33 -5.22 9.43
N PHE B 338 -6.38 -4.04 10.05
CA PHE B 338 -5.52 -2.91 9.71
C PHE B 338 -4.84 -2.43 10.98
N ARG B 339 -3.52 -2.30 10.94
CA ARG B 339 -2.76 -1.91 12.13
C ARG B 339 -1.67 -0.91 11.75
N ILE B 340 -1.19 -0.17 12.74
CA ILE B 340 -0.08 0.75 12.59
C ILE B 340 0.91 0.50 13.72
N LYS B 341 2.19 0.36 13.38
CA LYS B 341 3.23 0.07 14.35
C LYS B 341 4.27 1.17 14.31
N MET B 342 4.50 1.80 15.46
CA MET B 342 5.40 2.94 15.53
C MET B 342 5.76 3.24 16.98
N CYS B 343 7.05 3.51 17.22
CA CYS B 343 7.51 4.05 18.49
C CYS B 343 7.19 5.54 18.52
N THR B 344 6.18 5.91 19.29
CA THR B 344 5.68 7.28 19.27
C THR B 344 6.26 8.09 20.41
N LYS B 345 6.46 9.38 20.15
CA LYS B 345 6.96 10.34 21.13
C LYS B 345 6.10 11.59 21.02
N VAL B 346 6.55 12.67 21.65
CA VAL B 346 5.74 13.88 21.77
C VAL B 346 6.34 15.02 20.96
N THR B 347 6.99 14.69 19.85
CA THR B 347 7.58 15.68 18.96
C THR B 347 6.67 15.95 17.76
N MET B 348 7.16 16.79 16.84
CA MET B 348 6.35 17.19 15.70
C MET B 348 6.52 16.24 14.52
N ASP B 349 7.73 15.73 14.31
CA ASP B 349 7.95 14.80 13.20
C ASP B 349 7.09 13.55 13.37
N ASN B 350 6.92 13.07 14.59
CA ASN B 350 6.00 11.98 14.83
C ASN B 350 4.57 12.38 14.52
N PHE B 351 4.21 13.64 14.78
CA PHE B 351 2.88 14.12 14.46
C PHE B 351 2.62 14.04 12.95
N LEU B 352 3.63 14.37 12.15
CA LEU B 352 3.47 14.29 10.70
C LEU B 352 3.48 12.84 10.22
N THR B 353 4.36 12.01 10.78
CA THR B 353 4.42 10.61 10.40
C THR B 353 3.11 9.90 10.72
N ALA B 354 2.42 10.33 11.78
CA ALA B 354 1.11 9.77 12.08
C ALA B 354 0.14 9.99 10.95
N HIS B 355 0.12 11.20 10.38
CA HIS B 355 -0.75 11.46 9.24
C HIS B 355 -0.34 10.64 8.01
N HIS B 356 0.97 10.51 7.80
CA HIS B 356 1.45 9.70 6.68
C HIS B 356 0.93 8.27 6.77
N GLU B 357 1.13 7.64 7.93
CA GLU B 357 0.67 6.26 8.10
C GLU B 357 -0.85 6.16 8.09
N MET B 358 -1.54 7.16 8.61
CA MET B 358 -3.00 7.15 8.56
C MET B 358 -3.49 7.18 7.13
N GLY B 359 -2.84 7.97 6.27
CA GLY B 359 -3.17 7.96 4.86
C GLY B 359 -2.92 6.62 4.21
N HIS B 360 -1.82 5.96 4.58
CA HIS B 360 -1.59 4.61 4.05
C HIS B 360 -2.76 3.68 4.35
N ILE B 361 -3.23 3.67 5.60
CA ILE B 361 -4.29 2.76 6.00
C ILE B 361 -5.61 3.14 5.34
N GLN B 362 -5.85 4.45 5.17
CA GLN B 362 -7.06 4.86 4.45
C GLN B 362 -7.05 4.35 3.02
N TYR B 363 -5.90 4.46 2.35
CA TYR B 363 -5.79 3.93 0.99
C TYR B 363 -6.02 2.43 0.98
N ASP B 364 -5.47 1.72 1.97
CA ASP B 364 -5.68 0.27 2.04
C ASP B 364 -7.15 -0.07 2.24
N MET B 365 -7.84 0.67 3.10
CA MET B 365 -9.25 0.42 3.37
C MET B 365 -10.15 0.80 2.21
N ALA B 366 -9.68 1.65 1.30
CA ALA B 366 -10.52 2.09 0.19
C ALA B 366 -10.91 0.93 -0.72
N TYR B 367 -9.97 0.05 -1.06
CA TYR B 367 -10.19 -0.98 -2.07
C TYR B 367 -10.30 -2.39 -1.47
N ALA B 368 -10.80 -2.51 -0.24
CA ALA B 368 -10.93 -3.83 0.36
C ALA B 368 -12.00 -4.67 -0.31
N THR B 369 -12.88 -4.06 -1.11
CA THR B 369 -13.96 -4.78 -1.78
C THR B 369 -13.55 -5.39 -3.11
N GLN B 370 -12.40 -5.01 -3.66
CA GLN B 370 -11.94 -5.56 -4.91
C GLN B 370 -11.46 -7.00 -4.72
N PRO B 371 -11.35 -7.77 -5.80
CA PRO B 371 -10.82 -9.14 -5.69
C PRO B 371 -9.39 -9.14 -5.16
N PHE B 372 -8.92 -10.33 -4.80
CA PHE B 372 -7.65 -10.46 -4.09
C PHE B 372 -6.47 -10.00 -4.93
N LEU B 373 -6.42 -10.40 -6.20
CA LEU B 373 -5.25 -10.12 -7.01
C LEU B 373 -5.16 -8.67 -7.47
N LEU B 374 -6.19 -7.87 -7.22
CA LEU B 374 -6.21 -6.47 -7.62
C LEU B 374 -6.17 -5.52 -6.42
N ARG B 375 -5.69 -5.99 -5.27
CA ARG B 375 -5.63 -5.16 -4.06
C ARG B 375 -4.23 -4.56 -3.91
N ASN B 376 -3.92 -3.65 -4.84
CA ASN B 376 -2.69 -2.89 -4.79
C ASN B 376 -2.98 -1.50 -5.35
N GLY B 377 -1.95 -0.65 -5.35
CA GLY B 377 -2.07 0.66 -5.96
C GLY B 377 -2.15 0.57 -7.46
N ALA B 378 -2.59 1.68 -8.08
CA ALA B 378 -2.70 1.71 -9.53
C ALA B 378 -1.33 1.52 -10.19
N ASN B 379 -0.32 2.19 -9.65
CA ASN B 379 1.06 1.92 -10.01
C ASN B 379 1.91 2.05 -8.75
N GLU B 380 3.22 1.84 -8.90
CA GLU B 380 4.09 1.79 -7.74
C GLU B 380 4.26 3.15 -7.07
N GLY B 381 3.94 4.24 -7.76
CA GLY B 381 4.16 5.56 -7.22
C GLY B 381 2.99 6.24 -6.56
N PHE B 382 1.78 5.71 -6.69
CA PHE B 382 0.62 6.36 -6.10
C PHE B 382 0.60 6.19 -4.58
N HIS B 383 1.09 5.07 -4.09
CA HIS B 383 0.75 4.62 -2.75
C HIS B 383 1.41 5.50 -1.69
N GLU B 384 2.57 6.07 -2.00
CA GLU B 384 3.17 7.07 -1.12
C GLU B 384 2.80 8.50 -1.50
N ALA B 385 2.45 8.76 -2.76
CA ALA B 385 1.96 10.08 -3.13
C ALA B 385 0.65 10.40 -2.44
N VAL B 386 -0.15 9.38 -2.11
CA VAL B 386 -1.36 9.61 -1.35
C VAL B 386 -1.02 10.03 0.07
N GLY B 387 0.00 9.42 0.66
CA GLY B 387 0.35 9.73 2.04
C GLY B 387 1.12 11.02 2.26
N GLU B 388 1.88 11.47 1.26
CA GLU B 388 2.65 12.69 1.45
C GLU B 388 1.81 13.96 1.46
N ILE B 389 0.74 14.01 0.66
CA ILE B 389 -0.07 15.22 0.61
C ILE B 389 -0.76 15.46 1.93
N MET B 390 -1.08 14.40 2.68
CA MET B 390 -1.68 14.57 4.00
C MET B 390 -0.75 15.30 4.94
N SER B 391 0.52 14.92 4.97
CA SER B 391 1.50 15.64 5.77
C SER B 391 1.67 17.07 5.28
N LEU B 392 1.71 17.27 3.96
CA LEU B 392 1.83 18.63 3.43
C LEU B 392 0.69 19.51 3.90
N SER B 393 -0.53 18.97 3.93
CA SER B 393 -1.68 19.74 4.38
C SER B 393 -1.70 19.93 5.89
N ALA B 394 -1.21 18.95 6.66
CA ALA B 394 -1.30 19.01 8.11
C ALA B 394 -0.09 19.66 8.76
N ALA B 395 0.89 20.12 7.98
CA ALA B 395 2.04 20.83 8.54
C ALA B 395 1.97 22.34 8.31
N THR B 396 0.77 22.88 8.04
CA THR B 396 0.60 24.28 7.69
C THR B 396 0.26 25.11 8.94
N PRO B 397 0.61 26.40 8.94
CA PRO B 397 0.26 27.25 10.10
C PRO B 397 -1.22 27.33 10.39
N GLU B 398 -2.07 27.36 9.35
CA GLU B 398 -3.51 27.51 9.58
C GLU B 398 -4.08 26.33 10.35
N HIS B 399 -3.67 25.11 9.99
CA HIS B 399 -4.16 23.93 10.69
C HIS B 399 -3.75 23.94 12.16
N LEU B 400 -2.50 24.31 12.43
CA LEU B 400 -2.02 24.36 13.80
C LEU B 400 -2.73 25.44 14.60
N LYS B 401 -3.03 26.59 13.98
CA LYS B 401 -3.79 27.62 14.65
C LYS B 401 -5.20 27.16 14.96
N SER B 402 -5.82 26.44 14.03
CA SER B 402 -7.16 25.90 14.28
C SER B 402 -7.16 24.87 15.40
N ILE B 403 -6.15 24.02 15.44
CA ILE B 403 -6.15 22.92 16.40
C ILE B 403 -5.75 23.41 17.79
N GLY B 404 -5.19 24.60 17.89
CA GLY B 404 -4.90 25.22 19.17
C GLY B 404 -3.43 25.26 19.56
N LEU B 405 -2.54 24.62 18.80
CA LEU B 405 -1.13 24.60 19.16
C LEU B 405 -0.46 25.97 19.03
N LEU B 406 -1.05 26.89 18.26
CA LEU B 406 -0.49 28.22 18.08
C LEU B 406 -1.53 29.27 18.44
N PRO B 407 -1.11 30.39 19.01
CA PRO B 407 -2.06 31.47 19.33
C PRO B 407 -2.64 32.08 18.06
N TYR B 408 -3.85 32.63 18.20
CA TYR B 408 -4.56 33.16 17.03
C TYR B 408 -3.85 34.38 16.45
N ASP B 409 -3.22 35.19 17.30
CA ASP B 409 -2.60 36.43 16.85
C ASP B 409 -1.34 36.21 16.02
N PHE B 410 -0.83 34.98 15.97
CA PHE B 410 0.43 34.71 15.28
C PHE B 410 0.28 34.97 13.78
N HIS B 411 1.28 35.65 13.22
CA HIS B 411 1.33 35.97 11.79
C HIS B 411 2.48 35.21 11.13
N GLU B 412 2.57 35.36 9.81
CA GLU B 412 3.58 34.67 9.00
C GLU B 412 4.33 35.71 8.18
N ASP B 413 5.57 36.00 8.57
CA ASP B 413 6.38 36.96 7.83
C ASP B 413 6.99 36.31 6.60
N ASN B 414 7.25 37.14 5.58
CA ASN B 414 7.70 36.64 4.28
C ASN B 414 8.97 35.80 4.42
N GLU B 415 9.86 36.19 5.34
CA GLU B 415 11.07 35.41 5.57
C GLU B 415 10.75 33.99 5.99
N THR B 416 9.66 33.79 6.73
CA THR B 416 9.29 32.44 7.13
C THR B 416 8.93 31.57 5.93
N GLU B 417 8.15 32.11 5.00
CA GLU B 417 7.83 31.34 3.80
C GLU B 417 9.07 31.08 2.97
N ILE B 418 9.96 32.06 2.86
CA ILE B 418 11.19 31.84 2.09
C ILE B 418 12.01 30.71 2.71
N ASN B 419 12.18 30.73 4.04
CA ASN B 419 12.97 29.70 4.70
C ASN B 419 12.33 28.32 4.56
N PHE B 420 11.01 28.24 4.76
CA PHE B 420 10.32 26.96 4.64
C PHE B 420 10.42 26.41 3.22
N LEU B 421 10.26 27.28 2.21
CA LEU B 421 10.38 26.84 0.83
C LEU B 421 11.78 26.37 0.51
N LEU B 422 12.81 27.05 1.02
CA LEU B 422 14.18 26.57 0.79
C LEU B 422 14.39 25.21 1.43
N LYS B 423 13.87 25.01 2.64
CA LYS B 423 14.03 23.72 3.30
C LYS B 423 13.34 22.61 2.51
N GLN B 424 12.15 22.89 1.99
CA GLN B 424 11.45 21.88 1.19
C GLN B 424 12.17 21.61 -0.13
N ALA B 425 12.70 22.67 -0.75
CA ALA B 425 13.36 22.53 -2.05
C ALA B 425 14.66 21.73 -1.92
N LEU B 426 15.37 21.90 -0.81
CA LEU B 426 16.60 21.14 -0.62
C LEU B 426 16.34 19.64 -0.48
N THR B 427 15.10 19.24 -0.28
CA THR B 427 14.74 17.83 -0.18
C THR B 427 14.05 17.29 -1.43
N ILE B 428 13.16 18.05 -2.03
CA ILE B 428 12.33 17.57 -3.14
C ILE B 428 13.00 17.79 -4.49
N VAL B 429 13.42 19.02 -4.78
CA VAL B 429 13.99 19.30 -6.09
C VAL B 429 15.37 18.65 -6.26
N GLY B 430 16.18 18.66 -5.21
CA GLY B 430 17.56 18.20 -5.34
C GLY B 430 17.72 16.72 -5.62
N THR B 431 16.71 15.91 -5.32
CA THR B 431 16.81 14.47 -5.45
C THR B 431 16.35 13.95 -6.81
N LEU B 432 15.87 14.82 -7.69
CA LEU B 432 15.32 14.36 -8.97
C LEU B 432 16.42 14.04 -9.98
N PRO B 433 17.39 14.94 -10.21
CA PRO B 433 18.46 14.61 -11.17
C PRO B 433 19.26 13.38 -10.79
N PHE B 434 19.50 13.15 -9.50
CA PHE B 434 20.23 11.97 -9.08
C PHE B 434 19.50 10.69 -9.47
N THR B 435 18.21 10.62 -9.16
CA THR B 435 17.40 9.45 -9.52
C THR B 435 17.37 9.27 -11.03
N TYR B 436 17.14 10.35 -11.77
CA TYR B 436 17.04 10.26 -13.22
C TYR B 436 18.34 9.72 -13.81
N MET B 437 19.48 10.25 -13.35
CA MET B 437 20.77 9.81 -13.88
C MET B 437 21.05 8.34 -13.53
N LEU B 438 20.80 7.94 -12.29
CA LEU B 438 21.07 6.55 -11.91
C LEU B 438 20.20 5.58 -12.71
N GLU B 439 18.91 5.90 -12.85
CA GLU B 439 18.04 5.02 -13.61
C GLU B 439 18.45 4.95 -15.08
N LYS B 440 18.81 6.09 -15.68
CA LYS B 440 19.24 6.08 -17.07
C LYS B 440 20.50 5.26 -17.25
N TRP B 441 21.46 5.40 -16.33
CA TRP B 441 22.70 4.64 -16.43
C TRP B 441 22.43 3.15 -16.36
N ARG B 442 21.61 2.69 -15.41
CA ARG B 442 21.40 1.24 -15.36
C ARG B 442 20.61 0.75 -16.56
N TRP B 443 19.65 1.54 -17.05
CA TRP B 443 18.92 1.10 -18.24
C TRP B 443 19.86 0.92 -19.43
N MET B 444 20.76 1.87 -19.64
CA MET B 444 21.72 1.74 -20.74
C MET B 444 22.68 0.57 -20.50
N VAL B 445 23.13 0.36 -19.27
CA VAL B 445 24.04 -0.75 -19.00
C VAL B 445 23.37 -2.09 -19.27
N PHE B 446 22.13 -2.25 -18.80
CA PHE B 446 21.40 -3.49 -19.05
C PHE B 446 21.18 -3.70 -20.54
N LYS B 447 20.77 -2.65 -21.26
CA LYS B 447 20.46 -2.80 -22.67
C LYS B 447 21.69 -3.19 -23.48
N GLY B 448 22.84 -2.63 -23.15
CA GLY B 448 24.07 -2.90 -23.86
C GLY B 448 24.63 -1.73 -24.63
N GLU B 449 24.09 -0.52 -24.47
CA GLU B 449 24.62 0.64 -25.15
C GLU B 449 26.04 0.96 -24.70
N ILE B 450 26.32 0.81 -23.42
CA ILE B 450 27.65 1.09 -22.86
C ILE B 450 28.42 -0.23 -22.82
N PRO B 451 29.52 -0.36 -23.55
CA PRO B 451 30.32 -1.58 -23.47
C PRO B 451 30.80 -1.88 -22.06
N LYS B 452 31.33 -3.09 -21.86
CA LYS B 452 31.75 -3.51 -20.52
C LYS B 452 32.96 -2.75 -20.02
N GLU B 453 33.71 -2.11 -20.91
CA GLU B 453 35.01 -1.54 -20.55
C GLU B 453 34.98 -0.01 -20.48
N GLN B 454 33.80 0.60 -20.48
CA GLN B 454 33.67 2.05 -20.36
C GLN B 454 32.56 2.45 -19.40
N TRP B 455 32.50 1.81 -18.23
CA TRP B 455 31.39 2.07 -17.31
C TRP B 455 31.60 3.35 -16.53
N MET B 456 32.68 3.43 -15.76
CA MET B 456 32.89 4.58 -14.88
C MET B 456 33.09 5.86 -15.69
N GLN B 457 33.71 5.76 -16.87
CA GLN B 457 33.89 6.94 -17.71
C GLN B 457 32.56 7.57 -18.09
N LYS B 458 31.63 6.76 -18.60
CA LYS B 458 30.31 7.26 -18.94
C LYS B 458 29.54 7.71 -17.70
N TRP B 459 29.74 7.02 -16.58
CA TRP B 459 29.06 7.42 -15.35
C TRP B 459 29.45 8.84 -14.93
N TRP B 460 30.75 9.13 -14.91
CA TRP B 460 31.15 10.47 -14.51
C TRP B 460 30.88 11.51 -15.60
N GLU B 461 30.88 11.11 -16.88
CA GLU B 461 30.45 12.04 -17.92
C GLU B 461 29.00 12.46 -17.73
N MET B 462 28.13 11.49 -17.43
CA MET B 462 26.74 11.81 -17.16
C MET B 462 26.60 12.66 -15.90
N LYS B 463 27.38 12.35 -14.87
CA LYS B 463 27.32 13.13 -13.64
C LYS B 463 27.72 14.58 -13.89
N ARG B 464 28.75 14.82 -14.68
CA ARG B 464 29.14 16.18 -15.02
C ARG B 464 28.15 16.87 -15.93
N GLU B 465 27.48 16.13 -16.82
CA GLU B 465 26.57 16.74 -17.79
C GLU B 465 25.15 16.92 -17.28
N ILE B 466 24.66 16.04 -16.42
CA ILE B 466 23.26 16.10 -15.98
C ILE B 466 23.15 16.74 -14.61
N VAL B 467 23.80 16.16 -13.61
CA VAL B 467 23.64 16.62 -12.24
C VAL B 467 24.51 17.85 -11.97
N GLY B 468 25.79 17.77 -12.30
CA GLY B 468 26.69 18.88 -12.08
C GLY B 468 27.59 18.69 -10.87
N VAL B 469 28.12 17.49 -10.71
CA VAL B 469 28.99 17.13 -9.61
C VAL B 469 30.24 16.47 -10.17
N VAL B 470 31.41 16.91 -9.70
CA VAL B 470 32.70 16.44 -10.20
C VAL B 470 33.38 15.59 -9.13
N GLU B 471 34.12 14.59 -9.56
CA GLU B 471 34.84 13.73 -8.63
C GLU B 471 36.15 14.37 -8.17
N PRO B 472 36.58 14.09 -6.94
CA PRO B 472 37.82 14.69 -6.44
C PRO B 472 39.08 13.91 -6.80
N MET B 473 38.93 12.62 -7.11
CA MET B 473 40.06 11.76 -7.45
C MET B 473 39.80 11.06 -8.77
N PRO B 474 40.85 10.69 -9.50
CA PRO B 474 40.65 9.97 -10.76
C PRO B 474 40.31 8.51 -10.53
N HIS B 475 39.21 8.07 -11.14
CA HIS B 475 38.69 6.72 -10.99
C HIS B 475 38.87 5.96 -12.30
N ASP B 476 39.56 4.83 -12.24
CA ASP B 476 39.76 3.99 -13.40
C ASP B 476 38.63 2.97 -13.50
N GLU B 477 38.79 1.97 -14.36
CA GLU B 477 37.73 0.99 -14.58
C GLU B 477 37.67 -0.08 -13.51
N THR B 478 38.67 -0.14 -12.61
CA THR B 478 38.62 -1.12 -11.53
C THR B 478 37.49 -0.82 -10.56
N TYR B 479 37.25 0.46 -10.29
CA TYR B 479 36.30 0.85 -9.25
C TYR B 479 34.86 0.70 -9.76
N CYS B 480 33.91 0.74 -8.82
CA CYS B 480 32.50 0.63 -9.15
C CYS B 480 31.73 1.47 -8.14
N ASP B 481 31.38 2.69 -8.53
CA ASP B 481 30.70 3.65 -7.66
C ASP B 481 29.20 3.41 -7.54
N PRO B 482 28.46 3.11 -8.63
CA PRO B 482 27.00 2.91 -8.48
C PRO B 482 26.63 1.79 -7.53
N ALA B 483 27.48 0.76 -7.43
CA ALA B 483 27.15 -0.38 -6.58
C ALA B 483 27.19 -0.04 -5.10
N ALA B 484 27.78 1.10 -4.73
CA ALA B 484 27.86 1.46 -3.32
C ALA B 484 26.49 1.77 -2.73
N LEU B 485 25.56 2.27 -3.55
CA LEU B 485 24.23 2.60 -3.05
C LEU B 485 23.47 1.34 -2.65
N PHE B 486 22.62 1.49 -1.64
CA PHE B 486 21.88 0.35 -1.10
C PHE B 486 20.90 -0.21 -2.13
N HIS B 487 20.22 0.66 -2.87
CA HIS B 487 19.22 0.22 -3.83
C HIS B 487 19.80 -0.52 -5.02
N VAL B 488 21.11 -0.47 -5.21
CA VAL B 488 21.76 -1.17 -6.31
C VAL B 488 22.41 -2.47 -5.84
N ALA B 489 23.05 -2.45 -4.67
CA ALA B 489 23.64 -3.66 -4.13
C ALA B 489 22.60 -4.74 -3.91
N ASN B 490 21.45 -4.36 -3.35
CA ASN B 490 20.28 -5.22 -3.30
C ASN B 490 19.30 -4.72 -4.36
N ASP B 491 18.91 -5.60 -5.27
CA ASP B 491 18.19 -5.17 -6.47
C ASP B 491 16.84 -4.56 -6.12
N TYR B 492 16.61 -3.35 -6.61
CA TYR B 492 15.37 -2.61 -6.37
C TYR B 492 15.18 -1.62 -7.50
N SER B 493 13.91 -1.26 -7.74
CA SER B 493 13.61 -0.22 -8.69
C SER B 493 13.84 1.16 -8.06
N PHE B 494 14.02 2.16 -8.91
CA PHE B 494 14.35 3.49 -8.42
C PHE B 494 13.59 4.63 -9.10
N ILE B 495 12.73 4.35 -10.08
CA ILE B 495 12.00 5.39 -10.80
C ILE B 495 10.73 5.74 -10.04
N ARG B 496 10.42 4.94 -9.02
CA ARG B 496 9.24 5.17 -8.21
C ARG B 496 9.27 6.55 -7.57
N TYR B 497 10.43 6.96 -7.06
CA TYR B 497 10.55 8.26 -6.42
C TYR B 497 10.33 9.40 -7.43
N TYR B 498 10.89 9.27 -8.63
CA TYR B 498 10.70 10.29 -9.65
C TYR B 498 9.23 10.44 -10.01
N THR B 499 8.52 9.33 -10.16
CA THR B 499 7.08 9.43 -10.45
C THR B 499 6.31 10.02 -9.28
N ARG B 500 6.64 9.60 -8.06
CA ARG B 500 5.90 10.04 -6.88
C ARG B 500 6.03 11.55 -6.67
N THR B 501 7.21 12.10 -6.96
CA THR B 501 7.41 13.53 -6.74
C THR B 501 6.47 14.36 -7.60
N ILE B 502 6.28 13.97 -8.87
CA ILE B 502 5.36 14.69 -9.73
C ILE B 502 3.91 14.45 -9.31
N TYR B 503 3.57 13.20 -9.00
CA TYR B 503 2.19 12.87 -8.68
C TYR B 503 1.71 13.61 -7.44
N GLN B 504 2.55 13.73 -6.42
CA GLN B 504 2.10 14.31 -5.17
C GLN B 504 1.72 15.78 -5.32
N PHE B 505 2.39 16.53 -6.19
CA PHE B 505 2.03 17.91 -6.41
C PHE B 505 0.90 18.06 -7.42
N GLN B 506 0.79 17.17 -8.40
CA GLN B 506 -0.37 17.22 -9.29
C GLN B 506 -1.66 16.98 -8.52
N PHE B 507 -1.66 15.98 -7.63
CA PHE B 507 -2.83 15.73 -6.78
C PHE B 507 -3.13 16.92 -5.89
N GLN B 508 -2.09 17.52 -5.32
CA GLN B 508 -2.29 18.65 -4.41
C GLN B 508 -2.92 19.82 -5.14
N GLU B 509 -2.44 20.13 -6.35
CA GLU B 509 -3.03 21.21 -7.12
C GLU B 509 -4.50 20.93 -7.43
N ALA B 510 -4.80 19.70 -7.85
CA ALA B 510 -6.19 19.37 -8.18
C ALA B 510 -7.09 19.51 -6.96
N LEU B 511 -6.67 18.93 -5.83
CA LEU B 511 -7.51 18.97 -4.62
C LEU B 511 -7.69 20.40 -4.12
N CYS B 512 -6.62 21.19 -4.12
CA CYS B 512 -6.73 22.56 -3.62
C CYS B 512 -7.58 23.42 -4.53
N GLN B 513 -7.51 23.21 -5.85
CA GLN B 513 -8.41 23.93 -6.74
C GLN B 513 -9.86 23.50 -6.51
N ALA B 514 -10.09 22.23 -6.18
CA ALA B 514 -11.43 21.78 -5.88
C ALA B 514 -11.92 22.23 -4.50
N ALA B 515 -11.02 22.65 -3.62
CA ALA B 515 -11.37 23.04 -2.26
C ALA B 515 -11.64 24.53 -2.12
N GLN B 516 -11.69 25.26 -3.23
CA GLN B 516 -12.03 26.69 -3.24
C GLN B 516 -11.06 27.50 -2.36
N HIS B 517 -9.81 27.51 -2.78
CA HIS B 517 -8.75 28.22 -2.07
C HIS B 517 -8.14 29.25 -3.01
N GLU B 518 -7.74 30.40 -2.43
CA GLU B 518 -7.12 31.48 -3.17
C GLU B 518 -5.79 31.84 -2.54
N GLY B 519 -4.80 32.15 -3.38
CA GLY B 519 -3.49 32.50 -2.91
C GLY B 519 -2.44 31.48 -3.31
N PRO B 520 -1.25 31.60 -2.72
CA PRO B 520 -0.18 30.64 -3.04
C PRO B 520 -0.55 29.23 -2.62
N LEU B 521 -0.05 28.26 -3.39
CA LEU B 521 -0.45 26.87 -3.19
C LEU B 521 0.12 26.26 -1.91
N HIS B 522 1.22 26.79 -1.38
CA HIS B 522 1.85 26.17 -0.22
C HIS B 522 1.18 26.52 1.09
N LYS B 523 0.17 27.40 1.08
CA LYS B 523 -0.63 27.71 2.26
C LYS B 523 -1.99 27.03 2.22
N CYS B 524 -2.13 25.97 1.43
CA CYS B 524 -3.40 25.30 1.25
C CYS B 524 -3.74 24.44 2.46
N ASP B 525 -5.01 24.09 2.56
CA ASP B 525 -5.50 23.19 3.60
C ASP B 525 -6.82 22.60 3.14
N ILE B 526 -6.93 21.27 3.22
CA ILE B 526 -8.12 20.57 2.75
C ILE B 526 -9.05 20.21 3.91
N SER B 527 -8.80 20.75 5.11
CA SER B 527 -9.66 20.47 6.24
C SER B 527 -11.03 21.11 6.03
N ASN B 528 -12.07 20.41 6.50
CA ASN B 528 -13.46 20.88 6.37
C ASN B 528 -13.83 21.13 4.92
N SER B 529 -13.69 20.08 4.10
CA SER B 529 -14.01 20.16 2.67
C SER B 529 -14.35 18.76 2.20
N THR B 530 -15.65 18.49 2.04
CA THR B 530 -16.09 17.17 1.61
C THR B 530 -15.92 16.93 0.12
N GLU B 531 -15.91 17.99 -0.70
CA GLU B 531 -15.75 17.81 -2.15
C GLU B 531 -14.39 17.22 -2.49
N ALA B 532 -13.32 17.74 -1.89
CA ALA B 532 -12.00 17.21 -2.14
C ALA B 532 -11.89 15.76 -1.69
N GLY B 533 -12.46 15.44 -0.52
CA GLY B 533 -12.45 14.08 -0.06
C GLY B 533 -13.17 13.14 -1.00
N GLN B 534 -14.31 13.55 -1.53
CA GLN B 534 -15.04 12.72 -2.49
C GLN B 534 -14.24 12.52 -3.77
N LYS B 535 -13.62 13.59 -4.26
CA LYS B 535 -12.80 13.50 -5.46
C LYS B 535 -11.64 12.53 -5.26
N LEU B 536 -11.00 12.58 -4.10
CA LEU B 536 -9.89 11.66 -3.82
C LEU B 536 -10.39 10.22 -3.67
N LEU B 537 -11.50 10.02 -2.97
CA LEU B 537 -12.03 8.69 -2.75
C LEU B 537 -12.47 8.02 -4.05
N ASN B 538 -12.96 8.80 -5.01
CA ASN B 538 -13.35 8.23 -6.30
C ASN B 538 -12.20 7.50 -6.96
N MET B 539 -10.97 7.94 -6.72
CA MET B 539 -9.78 7.24 -7.20
C MET B 539 -9.25 6.21 -6.21
N LEU B 540 -9.33 6.49 -4.91
CA LEU B 540 -8.81 5.54 -3.94
C LEU B 540 -9.54 4.21 -4.00
N ARG B 541 -10.87 4.25 -4.16
CA ARG B 541 -11.64 3.00 -4.20
C ARG B 541 -11.49 2.25 -5.51
N LEU B 542 -10.90 2.87 -6.53
CA LEU B 542 -10.77 2.20 -7.82
C LEU B 542 -9.85 0.99 -7.75
N GLY B 543 -8.76 1.11 -7.00
CA GLY B 543 -7.83 0.00 -6.89
C GLY B 543 -7.04 -0.20 -8.16
N ARG B 544 -6.61 -1.44 -8.38
CA ARG B 544 -5.84 -1.81 -9.56
C ARG B 544 -6.71 -2.41 -10.66
N SER B 545 -8.04 -2.31 -10.52
CA SER B 545 -8.93 -2.92 -11.49
C SER B 545 -8.99 -2.16 -12.80
N GLU B 546 -8.49 -0.94 -12.85
CA GLU B 546 -8.48 -0.12 -14.05
C GLU B 546 -7.06 0.38 -14.30
N PRO B 547 -6.73 0.69 -15.56
CA PRO B 547 -5.41 1.24 -15.85
C PRO B 547 -5.18 2.55 -15.11
N TRP B 548 -3.92 2.79 -14.75
CA TRP B 548 -3.60 3.96 -13.94
C TRP B 548 -3.89 5.27 -14.66
N THR B 549 -4.00 5.26 -15.98
CA THR B 549 -4.37 6.48 -16.70
C THR B 549 -5.76 6.95 -16.30
N LEU B 550 -6.73 6.03 -16.23
CA LEU B 550 -8.07 6.40 -15.83
C LEU B 550 -8.12 6.82 -14.37
N ALA B 551 -7.33 6.15 -13.51
CA ALA B 551 -7.27 6.54 -12.11
C ALA B 551 -6.73 7.96 -11.95
N LEU B 552 -5.71 8.30 -12.73
CA LEU B 552 -5.18 9.66 -12.69
C LEU B 552 -6.18 10.66 -13.25
N GLU B 553 -6.94 10.26 -14.28
CA GLU B 553 -7.91 11.17 -14.89
C GLU B 553 -9.10 11.43 -13.98
N ASN B 554 -9.31 10.61 -12.95
CA ASN B 554 -10.44 10.78 -12.05
C ASN B 554 -10.17 11.77 -10.93
N VAL B 555 -8.97 12.32 -10.84
CA VAL B 555 -8.62 13.31 -9.82
C VAL B 555 -8.13 14.61 -10.46
N VAL B 556 -7.18 14.53 -11.37
CA VAL B 556 -6.57 15.73 -11.94
C VAL B 556 -7.31 16.17 -13.19
N GLY B 557 -7.62 15.26 -14.09
CA GLY B 557 -8.23 15.59 -15.37
C GLY B 557 -7.31 15.43 -16.56
N ALA B 558 -6.13 14.85 -16.39
CA ALA B 558 -5.20 14.58 -17.47
C ALA B 558 -4.96 13.09 -17.59
N LYS B 559 -4.09 12.70 -18.51
CA LYS B 559 -3.79 11.30 -18.76
C LYS B 559 -2.32 10.95 -18.62
N ASN B 560 -1.44 11.93 -18.42
CA ASN B 560 0.00 11.68 -18.30
C ASN B 560 0.57 12.56 -17.21
N MET B 561 1.88 12.52 -17.06
CA MET B 561 2.57 13.31 -16.05
C MET B 561 2.69 14.76 -16.50
N ASP B 562 2.28 15.68 -15.64
CA ASP B 562 2.40 17.11 -15.88
C ASP B 562 3.22 17.72 -14.76
N VAL B 563 4.18 18.58 -15.13
CA VAL B 563 5.13 19.15 -14.19
C VAL B 563 4.78 20.57 -13.79
N ARG B 564 3.78 21.18 -14.42
CA ARG B 564 3.41 22.56 -14.10
C ARG B 564 3.03 22.77 -12.64
N PRO B 565 2.27 21.90 -11.97
CA PRO B 565 2.00 22.13 -10.55
C PRO B 565 3.25 22.19 -9.68
N LEU B 566 4.26 21.38 -9.97
CA LEU B 566 5.49 21.42 -9.18
C LEU B 566 6.19 22.76 -9.33
N LEU B 567 6.25 23.29 -10.56
CA LEU B 567 6.84 24.61 -10.76
C LEU B 567 5.99 25.71 -10.13
N ASN B 568 4.67 25.52 -10.10
CA ASN B 568 3.80 26.50 -9.46
C ASN B 568 4.01 26.54 -7.96
N TYR B 569 4.29 25.38 -7.35
CA TYR B 569 4.51 25.31 -5.90
C TYR B 569 5.72 26.14 -5.48
N PHE B 570 6.73 26.25 -6.33
CA PHE B 570 7.98 26.92 -5.99
C PHE B 570 8.14 28.28 -6.67
N GLU B 571 7.03 28.88 -7.12
CA GLU B 571 7.13 30.17 -7.79
C GLU B 571 7.68 31.28 -6.90
N PRO B 572 7.22 31.48 -5.66
CA PRO B 572 7.85 32.52 -4.82
C PRO B 572 9.34 32.32 -4.61
N LEU B 573 9.78 31.07 -4.40
CA LEU B 573 11.20 30.81 -4.26
C LEU B 573 11.95 31.11 -5.55
N PHE B 574 11.36 30.80 -6.70
CA PHE B 574 12.01 31.07 -7.98
C PHE B 574 12.17 32.57 -8.19
N THR B 575 11.11 33.35 -7.90
CA THR B 575 11.18 34.79 -8.06
C THR B 575 12.19 35.41 -7.09
N TRP B 576 12.25 34.92 -5.85
CA TRP B 576 13.25 35.44 -4.92
C TRP B 576 14.66 35.06 -5.35
N LEU B 577 14.85 33.84 -5.83
CA LEU B 577 16.19 33.38 -6.21
C LEU B 577 16.72 34.16 -7.41
N LYS B 578 15.86 34.46 -8.38
CA LYS B 578 16.32 35.19 -9.56
C LYS B 578 16.85 36.57 -9.19
N GLU B 579 16.44 37.11 -8.04
CA GLU B 579 16.92 38.43 -7.63
C GLU B 579 18.36 38.38 -7.13
N GLN B 580 18.72 37.31 -6.40
CA GLN B 580 20.02 37.21 -5.77
C GLN B 580 21.07 36.57 -6.67
N ASN B 581 20.75 36.26 -7.91
CA ASN B 581 21.69 35.64 -8.83
C ASN B 581 22.14 36.58 -9.95
N ARG B 582 21.76 37.86 -9.89
CA ARG B 582 22.16 38.79 -10.95
C ARG B 582 23.66 39.00 -10.95
N ASN B 583 24.28 39.13 -9.79
CA ASN B 583 25.72 39.33 -9.68
C ASN B 583 26.44 38.00 -9.50
N SER B 584 26.13 37.04 -10.36
CA SER B 584 26.73 35.70 -10.31
C SER B 584 26.47 35.03 -11.65
N PHE B 585 27.06 33.85 -11.84
CA PHE B 585 26.93 33.10 -13.07
C PHE B 585 26.11 31.84 -12.81
N VAL B 586 25.12 31.60 -13.65
CA VAL B 586 24.22 30.46 -13.51
C VAL B 586 24.59 29.42 -14.56
N GLY B 587 24.91 28.22 -14.10
CA GLY B 587 25.34 27.15 -14.97
C GLY B 587 26.73 26.66 -14.62
N TRP B 588 27.18 25.66 -15.39
CA TRP B 588 28.49 25.08 -15.14
C TRP B 588 29.08 24.61 -16.46
N SER B 589 30.40 24.47 -16.46
CA SER B 589 31.15 24.04 -17.63
C SER B 589 32.03 22.85 -17.25
N THR B 590 31.99 21.80 -18.06
CA THR B 590 32.67 20.55 -17.74
C THR B 590 34.07 20.52 -18.34
N GLU B 591 34.94 21.38 -17.82
CA GLU B 591 36.36 21.33 -18.13
C GLU B 591 37.25 21.52 -16.91
N TRP B 592 36.70 21.63 -15.71
CA TRP B 592 37.47 21.88 -14.50
C TRP B 592 37.46 20.64 -13.62
N THR B 593 38.62 20.33 -13.05
CA THR B 593 38.76 19.20 -12.14
C THR B 593 39.44 19.65 -10.85
N PRO B 594 38.95 19.19 -9.69
CA PRO B 594 39.59 19.56 -8.44
C PRO B 594 41.05 19.14 -8.36
N TYR B 595 41.40 17.99 -8.94
CA TYR B 595 42.77 17.49 -8.85
C TYR B 595 43.67 18.03 -9.96
N ALA B 596 43.15 18.87 -10.84
CA ALA B 596 43.96 19.45 -11.91
C ALA B 596 43.35 20.74 -12.43
C1 NAG C . -31.68 -17.89 25.40
C2 NAG C . -33.06 -17.31 25.76
C3 NAG C . -33.09 -16.78 27.19
C4 NAG C . -32.03 -15.71 27.41
C5 NAG C . -30.81 -15.97 26.54
C6 NAG C . -29.52 -15.54 27.18
C7 NAG C . -34.72 -15.89 24.65
C8 NAG C . -34.95 -14.81 23.63
N2 NAG C . -33.45 -16.28 24.81
O3 NAG C . -32.89 -17.86 28.10
O4 NAG C . -32.56 -14.42 27.11
O5 NAG C . -30.70 -17.38 26.31
O6 NAG C . -29.73 -15.00 28.48
O7 NAG C . -35.64 -16.38 25.29
ZN ZN D . 4.77 6.11 3.61
#